data_2Q5O
#
_entry.id   2Q5O
#
_cell.length_a   74.896
_cell.length_b   145.584
_cell.length_c   194.042
_cell.angle_alpha   90.00
_cell.angle_beta   90.00
_cell.angle_gamma   90.00
#
_symmetry.space_group_name_H-M   'C 2 2 21'
#
loop_
_entity.id
_entity.type
_entity.pdbx_description
1 polymer 'Phenylpyruvate decarboxylase'
2 non-polymer 'MAGNESIUM ION'
3 non-polymer '2-{4-[(4-AMINO-2-METHYLPYRIMIDIN-5-YL)METHYL]-3-METHYLTHIOPHEN-2-YL}ETHYL TRIHYDROGEN DIPHOSPHATE'
4 non-polymer '3-PHENYLPYRUVIC ACID'
5 non-polymer GLYCEROL
6 water water
#
_entity_poly.entity_id   1
_entity_poly.type   'polypeptide(L)'
_entity_poly.pdbx_seq_one_letter_code
;MGSSHHHHHHSSGLVPRGSHMKLAEALLRALKDRGAQAMFGIPGDFALPFFKVAEETQILPLHTLSHEPAVGFAADAAAR
YSSTLGVAAVTYGAGAFNMVNAVAGAYAEKSPVVVISGAPGTTEGNAGLLLHHQGRTLDTQFQVFKEITVAQARLDDPAK
APAEIARVLGAARAQSRPVYLEIPRNMVNAEVEPVGDDPAWPVDRDALAACADEVLAAMRSATSPVLMVCVEVRRYGLEA
KVAELAQRLGVPVVTTFMGRGLLADAPTPPLGTYIGVAGDAEITRLVEESDGLFLLGAILSDTNFAVSQRKIDLRKTIHA
FDRAVTLGYHTYADIPLAGLVDALLERLPPSDRTTRGKEPHAYPTGLQADGEPIAPMDIARAVNDRVRAGQEPLLIAADM
GDCLFTAMDMIDAGLMAPGYYAGMGFGVPAGIGAQCVSGGKRILTVVGDGAFQMTGWELGNCRRLGIDPIVILFNNASWE
MLRTFQPESAFNDLDDWRFADMAAGMGGDGVRVRTRAELKAALDKAFATRGRFQLIEAMIPRGVLSDTLARFVQGQKRLH
AAPRE
;
_entity_poly.pdbx_strand_id   A,B
#
loop_
_chem_comp.id
_chem_comp.type
_chem_comp.name
_chem_comp.formula
GOL non-polymer GLYCEROL 'C3 H8 O3'
MG non-polymer 'MAGNESIUM ION' 'Mg 2'
PPY non-polymer '3-PHENYLPYRUVIC ACID' 'C9 H8 O3'
TPW non-polymer '2-{4-[(4-AMINO-2-METHYLPYRIMIDIN-5-YL)METHYL]-3-METHYLTHIOPHEN-2-YL}ETHYL TRIHYDROGEN DIPHOSPHATE' 'C13 H19 N3 O7 P2 S'
#
# COMPACT_ATOMS: atom_id res chain seq x y z
N HIS A 20 -18.33 11.46 32.25
CA HIS A 20 -17.34 11.88 31.21
C HIS A 20 -16.10 10.99 31.18
N MET A 21 -15.42 10.97 30.04
CA MET A 21 -14.18 10.22 29.86
C MET A 21 -13.46 10.75 28.63
N LYS A 22 -12.18 10.42 28.50
CA LYS A 22 -11.38 10.85 27.35
C LYS A 22 -11.99 10.27 26.07
N LEU A 23 -11.98 11.05 25.00
CA LEU A 23 -12.57 10.59 23.74
C LEU A 23 -11.96 9.28 23.23
N ALA A 24 -10.64 9.20 23.22
CA ALA A 24 -10.00 7.97 22.77
C ALA A 24 -10.53 6.79 23.60
N GLU A 25 -10.63 6.99 24.90
CA GLU A 25 -11.11 5.91 25.75
C GLU A 25 -12.58 5.59 25.46
N ALA A 26 -13.41 6.61 25.24
CA ALA A 26 -14.82 6.37 24.92
C ALA A 26 -14.94 5.56 23.63
N LEU A 27 -14.11 5.89 22.64
CA LEU A 27 -14.12 5.18 21.38
C LEU A 27 -13.76 3.70 21.54
N LEU A 28 -12.65 3.41 22.20
CA LEU A 28 -12.25 2.01 22.39
C LEU A 28 -13.32 1.21 23.10
N ARG A 29 -13.93 1.81 24.13
CA ARG A 29 -14.98 1.10 24.86
C ARG A 29 -16.19 0.85 23.98
N ALA A 30 -16.52 1.82 23.13
CA ALA A 30 -17.65 1.71 22.23
C ALA A 30 -17.46 0.56 21.23
N LEU A 31 -16.22 0.37 20.80
CA LEU A 31 -15.86 -0.69 19.86
C LEU A 31 -15.96 -2.02 20.58
N LYS A 32 -15.39 -2.09 21.77
CA LYS A 32 -15.42 -3.32 22.55
C LYS A 32 -16.87 -3.68 22.87
N ASP A 33 -17.68 -2.68 23.23
CA ASP A 33 -19.08 -2.97 23.52
C ASP A 33 -19.77 -3.56 22.31
N ARG A 34 -19.28 -3.22 21.13
CA ARG A 34 -19.91 -3.74 19.94
C ARG A 34 -19.25 -5.01 19.40
N GLY A 35 -18.38 -5.62 20.20
CA GLY A 35 -17.75 -6.87 19.79
C GLY A 35 -16.31 -6.88 19.27
N ALA A 36 -15.70 -5.71 19.09
CA ALA A 36 -14.33 -5.67 18.62
C ALA A 36 -13.48 -6.52 19.57
N GLN A 37 -12.58 -7.32 19.01
CA GLN A 37 -11.73 -8.15 19.85
C GLN A 37 -10.29 -7.66 19.90
N ALA A 38 -9.92 -6.79 18.98
CA ALA A 38 -8.57 -6.28 18.99
C ALA A 38 -8.42 -5.07 18.11
N MET A 39 -7.27 -4.42 18.24
CA MET A 39 -6.94 -3.27 17.43
C MET A 39 -5.55 -3.47 16.82
N PHE A 40 -5.48 -3.37 15.50
CA PHE A 40 -4.26 -3.54 14.76
C PHE A 40 -3.80 -2.17 14.29
N GLY A 41 -2.49 -1.93 14.31
CA GLY A 41 -2.05 -0.64 13.84
C GLY A 41 -0.58 -0.40 13.78
N ILE A 42 -0.24 0.75 13.20
CA ILE A 42 1.12 1.20 13.09
C ILE A 42 0.97 2.70 13.41
N PRO A 43 1.69 3.18 14.43
CA PRO A 43 1.63 4.58 14.84
C PRO A 43 2.46 5.50 13.99
N GLY A 44 2.30 6.79 14.27
CA GLY A 44 2.99 7.89 13.63
C GLY A 44 2.80 9.05 14.60
N ASP A 45 3.56 10.14 14.48
CA ASP A 45 3.39 11.22 15.45
C ASP A 45 1.96 11.70 15.63
N PHE A 46 1.18 11.81 14.55
CA PHE A 46 -0.21 12.24 14.70
C PHE A 46 -1.08 11.28 15.50
N ALA A 47 -0.70 10.00 15.53
CA ALA A 47 -1.46 8.99 16.23
C ALA A 47 -0.88 8.54 17.59
N LEU A 48 0.33 8.98 17.92
CA LEU A 48 0.95 8.59 19.17
C LEU A 48 0.06 8.74 20.40
N PRO A 49 -0.60 9.90 20.55
CA PRO A 49 -1.46 10.10 21.71
C PRO A 49 -2.55 9.03 21.79
N PHE A 50 -3.14 8.72 20.65
CA PHE A 50 -4.19 7.71 20.61
C PHE A 50 -3.63 6.32 20.95
N PHE A 51 -2.48 5.96 20.37
CA PHE A 51 -1.87 4.65 20.66
C PHE A 51 -1.49 4.55 22.13
N LYS A 52 -1.08 5.67 22.70
CA LYS A 52 -0.72 5.73 24.11
C LYS A 52 -1.92 5.31 24.94
N VAL A 53 -3.09 5.85 24.60
CA VAL A 53 -4.31 5.52 25.32
C VAL A 53 -4.68 4.06 25.08
N ALA A 54 -4.53 3.60 23.86
CA ALA A 54 -4.87 2.21 23.56
C ALA A 54 -3.97 1.23 24.36
N GLU A 55 -2.68 1.53 24.47
CA GLU A 55 -1.75 0.66 25.19
C GLU A 55 -1.90 0.72 26.71
N GLU A 56 -2.07 1.91 27.25
CA GLU A 56 -2.18 2.03 28.69
C GLU A 56 -3.51 1.52 29.24
N THR A 57 -4.61 1.73 28.51
CA THR A 57 -5.90 1.24 28.97
C THR A 57 -6.09 -0.24 28.66
N GLN A 58 -5.50 -0.70 27.57
CA GLN A 58 -5.64 -2.08 27.15
C GLN A 58 -7.10 -2.51 26.99
N ILE A 59 -7.98 -1.55 26.68
CA ILE A 59 -9.40 -1.87 26.48
C ILE A 59 -9.50 -2.89 25.37
N LEU A 60 -8.73 -2.67 24.31
CA LEU A 60 -8.68 -3.60 23.18
C LEU A 60 -7.22 -4.06 23.04
N PRO A 61 -6.98 -5.37 22.93
CA PRO A 61 -5.57 -5.76 22.78
C PRO A 61 -4.94 -5.03 21.57
N LEU A 62 -3.77 -4.42 21.76
CA LEU A 62 -3.09 -3.72 20.67
C LEU A 62 -2.01 -4.58 19.98
N HIS A 63 -2.20 -4.85 18.69
CA HIS A 63 -1.25 -5.63 17.91
C HIS A 63 -0.68 -4.77 16.79
N THR A 64 0.65 -4.65 16.74
CA THR A 64 1.24 -3.85 15.69
C THR A 64 1.75 -4.78 14.60
N LEU A 65 1.87 -4.24 13.39
CA LEU A 65 2.36 -4.99 12.27
C LEU A 65 3.50 -4.18 11.66
N SER A 66 4.01 -4.62 10.51
CA SER A 66 5.12 -3.94 9.85
C SER A 66 4.76 -2.90 8.79
N HIS A 67 3.76 -3.21 7.98
CA HIS A 67 3.36 -2.30 6.90
C HIS A 67 1.84 -2.15 6.93
N GLU A 68 1.33 -0.95 6.70
CA GLU A 68 -0.11 -0.71 6.78
C GLU A 68 -1.02 -1.65 5.98
N PRO A 69 -0.57 -2.15 4.84
CA PRO A 69 -1.51 -3.03 4.15
C PRO A 69 -1.95 -4.20 5.06
N ALA A 70 -0.99 -4.76 5.79
CA ALA A 70 -1.26 -5.89 6.67
C ALA A 70 -2.19 -5.47 7.80
N VAL A 71 -2.07 -4.23 8.25
CA VAL A 71 -2.95 -3.74 9.32
C VAL A 71 -4.38 -3.85 8.83
N GLY A 72 -4.64 -3.33 7.63
CA GLY A 72 -5.98 -3.39 7.07
C GLY A 72 -6.44 -4.82 6.87
N PHE A 73 -5.62 -5.63 6.20
CA PHE A 73 -5.98 -7.03 5.94
C PHE A 73 -6.29 -7.80 7.24
N ALA A 74 -5.48 -7.56 8.27
CA ALA A 74 -5.66 -8.23 9.54
C ALA A 74 -6.94 -7.81 10.27
N ALA A 75 -7.27 -6.53 10.21
CA ALA A 75 -8.48 -6.03 10.86
C ALA A 75 -9.63 -6.73 10.16
N ASP A 76 -9.55 -6.75 8.84
CA ASP A 76 -10.55 -7.38 7.98
C ASP A 76 -10.74 -8.86 8.34
N ALA A 77 -9.63 -9.58 8.54
CA ALA A 77 -9.71 -11.00 8.89
C ALA A 77 -10.31 -11.21 10.29
N ALA A 78 -9.90 -10.38 11.24
CA ALA A 78 -10.43 -10.46 12.60
C ALA A 78 -11.95 -10.29 12.53
N ALA A 79 -12.38 -9.38 11.66
CA ALA A 79 -13.82 -9.08 11.47
C ALA A 79 -14.54 -10.27 10.83
N ARG A 80 -13.91 -10.87 9.81
CA ARG A 80 -14.52 -12.02 9.15
C ARG A 80 -14.57 -13.21 10.08
N TYR A 81 -13.52 -13.36 10.86
CA TYR A 81 -13.41 -14.47 11.78
C TYR A 81 -14.51 -14.53 12.83
N SER A 82 -14.77 -13.40 13.48
CA SER A 82 -15.77 -13.35 14.53
C SER A 82 -17.07 -12.67 14.14
N SER A 83 -17.21 -12.29 12.88
CA SER A 83 -18.44 -11.62 12.42
C SER A 83 -18.74 -10.42 13.32
N THR A 84 -17.77 -9.55 13.44
CA THR A 84 -17.93 -8.38 14.28
C THR A 84 -17.12 -7.28 13.63
N LEU A 85 -16.89 -6.21 14.37
CA LEU A 85 -16.13 -5.09 13.85
C LEU A 85 -14.62 -5.37 13.96
N GLY A 86 -13.88 -4.94 12.94
CA GLY A 86 -12.45 -5.08 12.92
C GLY A 86 -11.93 -3.67 13.17
N VAL A 87 -10.76 -3.53 13.79
CA VAL A 87 -10.22 -2.20 14.09
C VAL A 87 -8.80 -1.99 13.55
N ALA A 88 -8.63 -1.00 12.68
CA ALA A 88 -7.33 -0.69 12.08
C ALA A 88 -6.97 0.77 12.38
N ALA A 89 -5.88 0.96 13.11
CA ALA A 89 -5.44 2.29 13.50
C ALA A 89 -4.14 2.70 12.83
N VAL A 90 -4.14 3.86 12.17
CA VAL A 90 -2.95 4.31 11.48
C VAL A 90 -2.69 5.79 11.66
N THR A 91 -1.55 6.25 11.19
CA THR A 91 -1.27 7.67 11.30
C THR A 91 -1.77 8.39 10.05
N TYR A 92 -1.81 9.72 10.13
CA TYR A 92 -2.26 10.59 9.05
C TYR A 92 -1.41 10.45 7.78
N GLY A 93 -2.07 10.37 6.62
CA GLY A 93 -1.36 10.27 5.34
C GLY A 93 -0.54 9.01 5.06
N ALA A 94 0.75 9.06 5.40
CA ALA A 94 1.65 7.92 5.16
C ALA A 94 1.03 6.62 5.65
N GLY A 95 0.25 6.67 6.73
CA GLY A 95 -0.38 5.46 7.22
C GLY A 95 -1.68 5.13 6.50
N ALA A 96 -2.63 6.07 6.57
CA ALA A 96 -3.96 5.91 5.97
C ALA A 96 -3.97 5.63 4.46
N PHE A 97 -3.25 6.42 3.67
CA PHE A 97 -3.23 6.22 2.22
C PHE A 97 -2.60 4.87 1.88
N ASN A 98 -1.76 4.35 2.77
CA ASN A 98 -1.10 3.06 2.55
C ASN A 98 -2.05 1.90 2.86
N MET A 99 -3.26 2.24 3.27
CA MET A 99 -4.24 1.21 3.59
C MET A 99 -5.46 1.26 2.66
N VAL A 100 -5.47 2.19 1.71
CA VAL A 100 -6.59 2.32 0.78
C VAL A 100 -6.95 1.01 0.07
N ASN A 101 -5.94 0.24 -0.34
CA ASN A 101 -6.23 -0.98 -1.06
C ASN A 101 -6.90 -2.04 -0.20
N ALA A 102 -6.43 -2.23 1.02
CA ALA A 102 -7.03 -3.22 1.90
C ALA A 102 -8.45 -2.81 2.30
N VAL A 103 -8.66 -1.50 2.43
CA VAL A 103 -9.98 -1.01 2.83
C VAL A 103 -10.96 -1.13 1.67
N ALA A 104 -10.52 -0.80 0.45
CA ALA A 104 -11.37 -0.92 -0.72
C ALA A 104 -11.77 -2.38 -0.85
N GLY A 105 -10.86 -3.28 -0.49
CA GLY A 105 -11.16 -4.69 -0.55
C GLY A 105 -12.18 -5.09 0.49
N ALA A 106 -12.06 -4.53 1.69
CA ALA A 106 -13.01 -4.85 2.75
C ALA A 106 -14.38 -4.31 2.37
N TYR A 107 -14.40 -3.17 1.69
CA TYR A 107 -15.65 -2.58 1.25
C TYR A 107 -16.33 -3.51 0.23
N ALA A 108 -15.54 -4.01 -0.71
CA ALA A 108 -16.06 -4.90 -1.74
C ALA A 108 -16.57 -6.23 -1.20
N GLU A 109 -15.89 -6.75 -0.18
CA GLU A 109 -16.29 -8.04 0.38
C GLU A 109 -17.08 -7.89 1.67
N LYS A 110 -17.64 -6.69 1.83
CA LYS A 110 -18.49 -6.37 2.96
C LYS A 110 -17.96 -6.74 4.33
N SER A 111 -16.76 -6.28 4.67
CA SER A 111 -16.22 -6.55 6.00
C SER A 111 -16.15 -5.22 6.71
N PRO A 112 -16.79 -5.12 7.88
CA PRO A 112 -16.81 -3.88 8.65
C PRO A 112 -15.53 -3.50 9.41
N VAL A 113 -14.55 -2.98 8.68
CA VAL A 113 -13.31 -2.55 9.28
C VAL A 113 -13.40 -1.10 9.70
N VAL A 114 -13.16 -0.84 10.98
CA VAL A 114 -13.17 0.53 11.47
C VAL A 114 -11.75 1.12 11.31
N VAL A 115 -11.65 2.10 10.43
CA VAL A 115 -10.41 2.79 10.17
C VAL A 115 -10.33 4.02 11.09
N ILE A 116 -9.31 4.03 11.94
CA ILE A 116 -9.11 5.14 12.86
C ILE A 116 -7.78 5.78 12.51
N SER A 117 -7.84 7.03 12.06
CA SER A 117 -6.62 7.71 11.69
C SER A 117 -6.32 8.93 12.54
N GLY A 118 -5.04 9.08 12.90
CA GLY A 118 -4.61 10.25 13.64
C GLY A 118 -4.62 11.38 12.62
N ALA A 119 -4.65 12.64 13.08
CA ALA A 119 -4.65 13.79 12.18
C ALA A 119 -4.12 15.02 12.91
N PRO A 120 -3.82 16.10 12.19
CA PRO A 120 -3.32 17.27 12.89
C PRO A 120 -4.34 17.80 13.89
N GLY A 121 -3.85 18.49 14.92
CA GLY A 121 -4.75 19.05 15.90
C GLY A 121 -5.64 20.08 15.20
N THR A 122 -6.75 20.40 15.84
CA THR A 122 -7.69 21.37 15.29
C THR A 122 -7.11 22.78 15.08
N THR A 123 -6.03 23.09 15.78
CA THR A 123 -5.41 24.40 15.65
C THR A 123 -4.09 24.38 14.88
N GLU A 124 -3.71 23.20 14.39
CA GLU A 124 -2.49 23.05 13.61
C GLU A 124 -2.84 23.37 12.16
N GLY A 125 -1.85 23.72 11.36
CA GLY A 125 -2.13 24.02 9.97
C GLY A 125 -2.48 25.48 9.71
N ASN A 126 -2.45 26.30 10.75
CA ASN A 126 -2.77 27.71 10.60
C ASN A 126 -1.53 28.57 10.88
N ALA A 127 -0.36 27.99 10.66
CA ALA A 127 0.90 28.69 10.90
C ALA A 127 1.57 29.08 9.60
N GLY A 128 0.88 28.88 8.48
CA GLY A 128 1.46 29.23 7.20
C GLY A 128 2.31 28.09 6.63
N LEU A 129 2.38 27.00 7.36
CA LEU A 129 3.18 25.83 6.93
C LEU A 129 2.38 24.61 6.51
N LEU A 130 2.88 23.90 5.50
CA LEU A 130 2.27 22.66 5.04
C LEU A 130 2.75 21.62 6.06
N LEU A 131 1.89 20.65 6.39
CA LEU A 131 2.22 19.63 7.39
C LEU A 131 2.58 18.30 6.79
N HIS A 132 3.67 17.70 7.29
CA HIS A 132 4.11 16.40 6.82
C HIS A 132 2.94 15.40 6.81
N HIS A 133 2.84 14.65 5.73
CA HIS A 133 1.79 13.62 5.50
C HIS A 133 0.50 14.14 4.83
N GLN A 134 0.30 15.45 4.79
CA GLN A 134 -0.94 15.92 4.18
C GLN A 134 -0.96 15.81 2.67
N GLY A 135 -2.16 15.75 2.15
CA GLY A 135 -2.34 15.70 0.72
C GLY A 135 -2.43 17.14 0.27
N ARG A 136 -2.98 17.35 -0.92
CA ARG A 136 -3.13 18.67 -1.49
C ARG A 136 -3.70 19.61 -0.41
N THR A 137 -4.74 19.16 0.29
CA THR A 137 -5.31 19.95 1.38
C THR A 137 -5.33 19.03 2.59
N LEU A 138 -5.56 19.59 3.77
CA LEU A 138 -5.61 18.79 4.99
C LEU A 138 -6.77 17.80 4.91
N ASP A 139 -7.80 18.18 4.16
CA ASP A 139 -9.01 17.38 4.01
C ASP A 139 -8.93 16.35 2.87
N THR A 140 -7.84 16.34 2.13
CA THR A 140 -7.70 15.40 1.01
C THR A 140 -7.90 13.95 1.41
N GLN A 141 -7.31 13.54 2.53
CA GLN A 141 -7.45 12.18 2.99
C GLN A 141 -8.91 11.81 3.28
N PHE A 142 -9.62 12.70 3.98
CA PHE A 142 -11.03 12.49 4.30
C PHE A 142 -11.78 12.23 2.97
N GLN A 143 -11.52 13.08 1.99
CA GLN A 143 -12.17 12.94 0.69
C GLN A 143 -11.91 11.60 0.04
N VAL A 144 -10.67 11.12 0.10
CA VAL A 144 -10.34 9.82 -0.47
C VAL A 144 -11.09 8.68 0.22
N PHE A 145 -11.10 8.67 1.55
CA PHE A 145 -11.79 7.61 2.26
C PHE A 145 -13.32 7.61 2.09
N LYS A 146 -13.89 8.73 1.67
CA LYS A 146 -15.34 8.80 1.46
C LYS A 146 -15.71 7.79 0.37
N GLU A 147 -14.79 7.62 -0.58
CA GLU A 147 -14.96 6.71 -1.70
C GLU A 147 -14.91 5.23 -1.35
N ILE A 148 -14.33 4.91 -0.19
CA ILE A 148 -14.18 3.50 0.17
C ILE A 148 -14.73 3.10 1.54
N THR A 149 -15.67 3.89 2.06
CA THR A 149 -16.29 3.63 3.34
C THR A 149 -17.77 4.04 3.27
N VAL A 150 -18.59 3.51 4.16
CA VAL A 150 -20.00 3.84 4.15
C VAL A 150 -20.39 4.99 5.08
N ALA A 151 -19.45 5.42 5.92
CA ALA A 151 -19.71 6.55 6.82
C ALA A 151 -18.38 7.08 7.30
N GLN A 152 -18.36 8.36 7.64
CA GLN A 152 -17.15 9.02 8.08
C GLN A 152 -17.45 10.10 9.08
N ALA A 153 -16.45 10.42 9.89
CA ALA A 153 -16.58 11.48 10.85
C ALA A 153 -15.22 11.90 11.32
N ARG A 154 -15.06 13.20 11.49
CA ARG A 154 -13.85 13.81 11.98
C ARG A 154 -14.27 14.14 13.42
N LEU A 155 -13.61 13.54 14.41
CA LEU A 155 -13.97 13.77 15.79
C LEU A 155 -13.26 15.01 16.33
N ASP A 156 -13.67 16.16 15.83
CA ASP A 156 -13.07 17.43 16.20
C ASP A 156 -13.97 18.30 17.08
N ASP A 157 -15.00 17.71 17.66
CA ASP A 157 -15.95 18.47 18.50
C ASP A 157 -16.42 17.53 19.61
N PRO A 158 -15.86 17.68 20.81
CA PRO A 158 -16.23 16.83 21.94
C PRO A 158 -17.70 16.66 22.18
N ALA A 159 -18.44 17.76 21.99
CA ALA A 159 -19.88 17.77 22.19
C ALA A 159 -20.61 16.80 21.29
N LYS A 160 -20.14 16.71 20.05
CA LYS A 160 -20.74 15.85 19.04
C LYS A 160 -20.13 14.44 18.94
N ALA A 161 -18.86 14.30 19.31
CA ALA A 161 -18.18 13.01 19.23
C ALA A 161 -18.96 11.74 19.56
N PRO A 162 -19.64 11.69 20.73
CA PRO A 162 -20.39 10.48 21.05
C PRO A 162 -21.45 10.09 20.04
N ALA A 163 -22.19 11.08 19.54
CA ALA A 163 -23.24 10.81 18.57
C ALA A 163 -22.61 10.38 17.25
N GLU A 164 -21.55 11.07 16.86
CA GLU A 164 -20.85 10.72 15.61
C GLU A 164 -20.33 9.29 15.69
N ILE A 165 -19.66 8.96 16.80
CA ILE A 165 -19.14 7.60 16.97
C ILE A 165 -20.27 6.57 16.83
N ALA A 166 -21.36 6.75 17.57
CA ALA A 166 -22.46 5.80 17.47
C ALA A 166 -23.03 5.76 16.06
N ARG A 167 -23.09 6.90 15.39
CA ARG A 167 -23.63 6.92 14.02
C ARG A 167 -22.74 6.11 13.05
N VAL A 168 -21.45 6.36 13.10
CA VAL A 168 -20.50 5.70 12.21
C VAL A 168 -20.38 4.19 12.49
N LEU A 169 -20.22 3.81 13.76
CA LEU A 169 -20.11 2.39 14.08
C LEU A 169 -21.45 1.71 13.81
N GLY A 170 -22.54 2.45 13.97
CA GLY A 170 -23.84 1.87 13.72
C GLY A 170 -24.00 1.51 12.27
N ALA A 171 -23.46 2.37 11.40
CA ALA A 171 -23.51 2.18 9.95
C ALA A 171 -22.66 0.97 9.53
N ALA A 172 -21.50 0.82 10.16
CA ALA A 172 -20.61 -0.30 9.82
C ALA A 172 -21.28 -1.63 10.13
N ARG A 173 -21.97 -1.70 11.27
CA ARG A 173 -22.62 -2.96 11.63
C ARG A 173 -23.84 -3.27 10.78
N ALA A 174 -24.61 -2.23 10.43
CA ALA A 174 -25.81 -2.46 9.62
C ALA A 174 -25.49 -2.79 8.17
N GLN A 175 -24.57 -2.03 7.57
CA GLN A 175 -24.19 -2.23 6.18
C GLN A 175 -23.05 -3.21 5.98
N SER A 176 -22.41 -3.60 7.08
CA SER A 176 -21.27 -4.51 7.05
C SER A 176 -20.19 -4.04 6.05
N ARG A 177 -19.76 -2.79 6.17
CA ARG A 177 -18.72 -2.25 5.32
C ARG A 177 -17.85 -1.34 6.16
N PRO A 178 -16.66 -0.98 5.65
CA PRO A 178 -15.76 -0.11 6.42
C PRO A 178 -16.28 1.30 6.67
N VAL A 179 -15.83 1.87 7.78
CA VAL A 179 -16.16 3.23 8.17
C VAL A 179 -14.86 3.95 8.47
N TYR A 180 -14.92 5.28 8.51
CA TYR A 180 -13.73 6.08 8.73
C TYR A 180 -13.85 7.14 9.84
N LEU A 181 -12.93 7.10 10.80
CA LEU A 181 -12.90 8.05 11.91
C LEU A 181 -11.56 8.77 11.93
N GLU A 182 -11.61 10.09 11.87
CA GLU A 182 -10.41 10.89 11.88
C GLU A 182 -10.33 11.61 13.22
N ILE A 183 -9.20 11.44 13.89
CA ILE A 183 -9.01 12.03 15.21
C ILE A 183 -7.88 13.05 15.32
N PRO A 184 -8.23 14.35 15.43
CA PRO A 184 -7.19 15.37 15.56
C PRO A 184 -6.40 15.00 16.82
N ARG A 185 -5.07 15.07 16.77
CA ARG A 185 -4.31 14.66 17.95
C ARG A 185 -4.59 15.47 19.22
N ASN A 186 -5.06 16.70 19.10
CA ASN A 186 -5.33 17.45 20.31
C ASN A 186 -6.67 17.05 20.94
N MET A 187 -7.42 16.16 20.28
CA MET A 187 -8.73 15.70 20.78
C MET A 187 -8.70 14.32 21.48
N VAL A 188 -7.61 13.57 21.32
CA VAL A 188 -7.51 12.24 21.92
C VAL A 188 -7.95 12.20 23.38
N ASN A 189 -7.52 13.19 24.16
CA ASN A 189 -7.85 13.21 25.56
C ASN A 189 -8.96 14.17 25.98
N ALA A 190 -9.68 14.73 25.01
CA ALA A 190 -10.79 15.63 25.31
C ALA A 190 -11.88 14.85 26.01
N GLU A 191 -12.48 15.50 26.99
CA GLU A 191 -13.54 14.92 27.78
C GLU A 191 -14.83 14.83 26.98
N VAL A 192 -15.48 13.69 27.04
CA VAL A 192 -16.76 13.51 26.33
C VAL A 192 -17.65 12.57 27.13
N GLU A 193 -18.92 12.54 26.76
CA GLU A 193 -19.86 11.63 27.42
C GLU A 193 -19.69 10.27 26.76
N PRO A 194 -20.03 9.19 27.47
CA PRO A 194 -19.92 7.83 26.92
C PRO A 194 -20.73 7.72 25.65
N VAL A 195 -20.33 6.83 24.75
CA VAL A 195 -21.04 6.64 23.49
C VAL A 195 -22.30 5.81 23.68
N GLY A 196 -23.39 6.30 23.11
CA GLY A 196 -24.66 5.58 23.23
C GLY A 196 -24.84 4.44 22.25
N ASP A 197 -26.08 3.99 22.10
CA ASP A 197 -26.40 2.90 21.19
C ASP A 197 -26.42 3.36 19.74
N ASP A 198 -26.34 2.39 18.82
CA ASP A 198 -26.40 2.71 17.40
C ASP A 198 -27.77 3.25 17.05
N PRO A 199 -27.82 4.17 16.06
CA PRO A 199 -29.11 4.71 15.66
C PRO A 199 -29.86 3.48 15.14
N ALA A 200 -31.18 3.47 15.27
CA ALA A 200 -31.93 2.32 14.79
C ALA A 200 -32.36 2.50 13.33
N TRP A 201 -32.38 1.40 12.59
CA TRP A 201 -32.80 1.41 11.18
C TRP A 201 -34.16 0.70 11.13
N PRO A 202 -35.24 1.48 11.01
CA PRO A 202 -36.61 0.93 10.95
C PRO A 202 -36.82 -0.18 9.92
N VAL A 203 -37.69 -1.12 10.26
CA VAL A 203 -38.02 -2.22 9.36
C VAL A 203 -39.53 -2.34 9.34
N ASP A 204 -40.12 -2.26 8.16
CA ASP A 204 -41.55 -2.37 8.03
C ASP A 204 -41.99 -3.83 8.16
N ARG A 205 -42.69 -4.14 9.24
CA ARG A 205 -43.19 -5.49 9.49
C ARG A 205 -44.05 -6.05 8.36
N ASP A 206 -44.93 -5.22 7.80
CA ASP A 206 -45.80 -5.68 6.72
C ASP A 206 -45.04 -6.00 5.45
N ALA A 207 -44.02 -5.19 5.15
CA ALA A 207 -43.22 -5.41 3.96
C ALA A 207 -42.44 -6.73 4.12
N LEU A 208 -41.82 -6.91 5.29
CA LEU A 208 -41.06 -8.12 5.58
C LEU A 208 -41.95 -9.35 5.46
N ALA A 209 -43.14 -9.28 6.08
CA ALA A 209 -44.09 -10.37 6.06
C ALA A 209 -44.46 -10.76 4.63
N ALA A 210 -44.77 -9.75 3.82
CA ALA A 210 -45.14 -9.99 2.43
C ALA A 210 -43.97 -10.55 1.61
N CYS A 211 -42.77 -10.02 1.84
CA CYS A 211 -41.59 -10.47 1.12
C CYS A 211 -41.34 -11.93 1.44
N ALA A 212 -41.33 -12.27 2.72
CA ALA A 212 -41.11 -13.65 3.16
C ALA A 212 -42.17 -14.57 2.59
N ASP A 213 -43.41 -14.11 2.56
CA ASP A 213 -44.48 -14.93 2.03
C ASP A 213 -44.27 -15.22 0.54
N GLU A 214 -43.83 -14.21 -0.21
CA GLU A 214 -43.63 -14.42 -1.65
C GLU A 214 -42.41 -15.28 -1.92
N VAL A 215 -41.36 -15.13 -1.11
CA VAL A 215 -40.13 -15.91 -1.28
C VAL A 215 -40.42 -17.38 -1.01
N LEU A 216 -41.08 -17.66 0.11
CA LEU A 216 -41.41 -19.03 0.47
C LEU A 216 -42.26 -19.69 -0.60
N ALA A 217 -43.23 -18.94 -1.12
CA ALA A 217 -44.12 -19.47 -2.15
C ALA A 217 -43.33 -19.78 -3.43
N ALA A 218 -42.34 -18.96 -3.75
CA ALA A 218 -41.52 -19.16 -4.93
C ALA A 218 -40.66 -20.42 -4.76
N MET A 219 -40.14 -20.63 -3.56
CA MET A 219 -39.31 -21.82 -3.30
C MET A 219 -40.15 -23.09 -3.28
N ARG A 220 -41.39 -22.97 -2.83
CA ARG A 220 -42.30 -24.10 -2.75
C ARG A 220 -42.88 -24.51 -4.08
N SER A 221 -42.99 -23.57 -5.02
CA SER A 221 -43.52 -23.92 -6.32
C SER A 221 -42.42 -24.39 -7.28
N ALA A 222 -41.17 -24.17 -6.90
CA ALA A 222 -40.05 -24.60 -7.74
C ALA A 222 -39.93 -26.11 -7.69
N THR A 223 -39.53 -26.71 -8.80
CA THR A 223 -39.37 -28.16 -8.87
C THR A 223 -37.97 -28.56 -8.38
N SER A 224 -36.97 -27.76 -8.72
CA SER A 224 -35.59 -28.02 -8.31
C SER A 224 -34.99 -26.73 -7.69
N PRO A 225 -35.44 -26.38 -6.47
CA PRO A 225 -34.96 -25.19 -5.75
C PRO A 225 -33.54 -25.34 -5.22
N VAL A 226 -32.79 -24.26 -5.26
CA VAL A 226 -31.41 -24.28 -4.77
C VAL A 226 -31.14 -23.06 -3.89
N LEU A 227 -30.63 -23.31 -2.69
CA LEU A 227 -30.29 -22.23 -1.78
C LEU A 227 -28.80 -21.98 -1.94
N MET A 228 -28.45 -20.84 -2.52
CA MET A 228 -27.05 -20.48 -2.75
C MET A 228 -26.58 -19.42 -1.76
N VAL A 229 -25.66 -19.81 -0.87
CA VAL A 229 -25.18 -18.90 0.15
C VAL A 229 -23.89 -18.15 -0.19
N CYS A 230 -23.83 -16.89 0.24
CA CYS A 230 -22.66 -16.05 -0.01
C CYS A 230 -22.27 -15.23 1.24
N VAL A 231 -21.33 -14.30 1.08
CA VAL A 231 -20.81 -13.49 2.20
C VAL A 231 -21.71 -13.00 3.32
N GLU A 232 -22.78 -12.28 2.98
CA GLU A 232 -23.65 -11.74 4.01
C GLU A 232 -24.12 -12.77 5.02
N VAL A 233 -24.20 -14.03 4.61
CA VAL A 233 -24.62 -15.05 5.55
C VAL A 233 -23.62 -15.09 6.72
N ARG A 234 -22.33 -14.92 6.43
CA ARG A 234 -21.35 -14.92 7.51
C ARG A 234 -21.30 -13.55 8.21
N ARG A 235 -21.31 -12.49 7.43
CA ARG A 235 -21.22 -11.15 7.99
C ARG A 235 -22.25 -10.90 9.08
N TYR A 236 -23.47 -11.40 8.90
CA TYR A 236 -24.50 -11.18 9.90
C TYR A 236 -24.73 -12.37 10.83
N GLY A 237 -23.79 -13.31 10.83
CA GLY A 237 -23.87 -14.48 11.70
C GLY A 237 -25.08 -15.37 11.50
N LEU A 238 -25.45 -15.58 10.24
CA LEU A 238 -26.63 -16.38 9.91
C LEU A 238 -26.36 -17.82 9.47
N GLU A 239 -25.12 -18.29 9.59
CA GLU A 239 -24.81 -19.66 9.15
C GLU A 239 -25.68 -20.74 9.79
N ALA A 240 -25.76 -20.75 11.11
CA ALA A 240 -26.57 -21.74 11.81
C ALA A 240 -28.03 -21.65 11.42
N LYS A 241 -28.59 -20.43 11.46
CA LYS A 241 -30.00 -20.26 11.10
C LYS A 241 -30.25 -20.62 9.66
N VAL A 242 -29.29 -20.37 8.78
CA VAL A 242 -29.52 -20.68 7.38
C VAL A 242 -29.44 -22.18 7.10
N ALA A 243 -28.68 -22.91 7.90
CA ALA A 243 -28.60 -24.36 7.73
C ALA A 243 -29.95 -24.92 8.16
N GLU A 244 -30.55 -24.31 9.17
CA GLU A 244 -31.85 -24.75 9.63
C GLU A 244 -32.90 -24.48 8.54
N LEU A 245 -32.77 -23.35 7.86
CA LEU A 245 -33.71 -22.99 6.80
C LEU A 245 -33.66 -23.98 5.65
N ALA A 246 -32.46 -24.36 5.24
CA ALA A 246 -32.30 -25.34 4.17
C ALA A 246 -32.94 -26.64 4.65
N GLN A 247 -32.68 -26.95 5.91
CA GLN A 247 -33.20 -28.15 6.55
C GLN A 247 -34.74 -28.17 6.50
N ARG A 248 -35.37 -27.10 7.00
CA ARG A 248 -36.82 -27.00 7.01
C ARG A 248 -37.44 -26.93 5.61
N LEU A 249 -36.74 -26.28 4.68
CA LEU A 249 -37.24 -26.16 3.31
C LEU A 249 -37.04 -27.46 2.54
N GLY A 250 -36.06 -28.24 2.98
CA GLY A 250 -35.75 -29.49 2.33
C GLY A 250 -35.08 -29.27 0.99
N VAL A 251 -34.18 -28.28 0.91
CA VAL A 251 -33.49 -28.00 -0.34
C VAL A 251 -31.98 -28.04 -0.17
N PRO A 252 -31.26 -28.32 -1.26
CA PRO A 252 -29.79 -28.37 -1.19
C PRO A 252 -29.17 -26.98 -1.11
N VAL A 253 -28.02 -26.92 -0.44
CA VAL A 253 -27.26 -25.69 -0.26
C VAL A 253 -25.96 -25.73 -1.05
N VAL A 254 -25.71 -24.71 -1.86
CA VAL A 254 -24.44 -24.61 -2.58
C VAL A 254 -23.89 -23.22 -2.30
N THR A 255 -22.58 -23.11 -2.12
CA THR A 255 -22.00 -21.79 -1.87
C THR A 255 -21.56 -21.18 -3.18
N THR A 256 -21.27 -19.88 -3.16
CA THR A 256 -20.75 -19.21 -4.34
C THR A 256 -19.24 -19.38 -4.16
N PHE A 257 -18.48 -18.91 -5.15
CA PHE A 257 -17.03 -18.99 -5.08
C PHE A 257 -16.62 -18.09 -3.91
N MET A 258 -17.20 -16.90 -3.87
CA MET A 258 -16.89 -15.96 -2.79
C MET A 258 -17.22 -16.56 -1.44
N GLY A 259 -18.34 -17.29 -1.37
CA GLY A 259 -18.80 -17.89 -0.13
C GLY A 259 -18.24 -19.24 0.27
N ARG A 260 -17.17 -19.66 -0.40
CA ARG A 260 -16.52 -20.93 -0.06
C ARG A 260 -16.14 -20.93 1.42
N GLY A 261 -16.46 -22.02 2.11
CA GLY A 261 -16.14 -22.08 3.53
C GLY A 261 -17.35 -21.87 4.46
N LEU A 262 -18.46 -21.36 3.92
CA LEU A 262 -19.68 -21.14 4.69
C LEU A 262 -20.33 -22.46 5.09
N LEU A 263 -21.00 -22.44 6.24
CA LEU A 263 -21.70 -23.59 6.80
C LEU A 263 -20.82 -24.80 7.09
N ALA A 264 -19.56 -24.53 7.40
CA ALA A 264 -18.60 -25.60 7.71
C ALA A 264 -19.04 -26.38 8.94
N ASP A 265 -19.69 -25.72 9.88
CA ASP A 265 -20.18 -26.34 11.12
C ASP A 265 -21.61 -26.89 11.01
N ALA A 266 -22.18 -26.84 9.81
CA ALA A 266 -23.55 -27.32 9.63
C ALA A 266 -23.71 -28.83 9.65
N PRO A 267 -24.65 -29.34 10.47
CA PRO A 267 -24.91 -30.78 10.57
C PRO A 267 -24.88 -31.42 9.19
N THR A 268 -25.47 -30.73 8.22
CA THR A 268 -25.52 -31.19 6.84
C THR A 268 -24.77 -30.14 6.03
N PRO A 269 -23.53 -30.45 5.62
CA PRO A 269 -22.76 -29.48 4.84
C PRO A 269 -23.38 -29.18 3.49
N PRO A 270 -22.99 -28.07 2.88
CA PRO A 270 -23.52 -27.69 1.57
C PRO A 270 -23.15 -28.81 0.59
N LEU A 271 -23.76 -28.86 -0.59
CA LEU A 271 -23.43 -29.89 -1.55
C LEU A 271 -22.09 -29.59 -2.21
N GLY A 272 -21.73 -28.32 -2.21
CA GLY A 272 -20.47 -27.92 -2.81
C GLY A 272 -20.42 -26.43 -3.14
N THR A 273 -19.43 -26.07 -3.93
CA THR A 273 -19.23 -24.69 -4.34
C THR A 273 -19.42 -24.54 -5.85
N TYR A 274 -20.28 -23.61 -6.22
CA TYR A 274 -20.56 -23.36 -7.63
C TYR A 274 -19.49 -22.51 -8.28
N ILE A 275 -18.79 -23.10 -9.25
CA ILE A 275 -17.75 -22.38 -9.95
C ILE A 275 -17.93 -22.48 -11.46
N GLY A 276 -19.19 -22.57 -11.89
CA GLY A 276 -19.48 -22.66 -13.31
C GLY A 276 -18.68 -23.73 -14.04
N VAL A 277 -18.21 -23.39 -15.23
CA VAL A 277 -17.42 -24.30 -16.05
C VAL A 277 -16.15 -24.81 -15.35
N ALA A 278 -15.80 -24.19 -14.23
CA ALA A 278 -14.60 -24.57 -13.49
C ALA A 278 -14.86 -25.38 -12.23
N GLY A 279 -16.13 -25.61 -11.90
CA GLY A 279 -16.44 -26.39 -10.72
C GLY A 279 -16.91 -27.77 -11.10
N ASP A 280 -17.54 -28.46 -10.15
CA ASP A 280 -18.09 -29.79 -10.38
C ASP A 280 -19.25 -29.68 -11.37
N ALA A 281 -19.33 -30.63 -12.30
CA ALA A 281 -20.37 -30.61 -13.32
C ALA A 281 -21.78 -30.80 -12.78
N GLU A 282 -21.94 -31.62 -11.76
CA GLU A 282 -23.28 -31.85 -11.24
C GLU A 282 -23.79 -30.67 -10.44
N ILE A 283 -22.89 -30.01 -9.72
CA ILE A 283 -23.29 -28.82 -8.96
C ILE A 283 -23.61 -27.72 -9.96
N THR A 284 -22.78 -27.59 -10.98
CA THR A 284 -23.00 -26.58 -12.00
C THR A 284 -24.34 -26.78 -12.71
N ARG A 285 -24.70 -28.04 -12.96
CA ARG A 285 -25.96 -28.35 -13.64
C ARG A 285 -27.13 -28.08 -12.71
N LEU A 286 -26.98 -28.49 -11.45
CA LEU A 286 -28.01 -28.29 -10.45
C LEU A 286 -28.32 -26.80 -10.31
N VAL A 287 -27.27 -26.00 -10.23
CA VAL A 287 -27.41 -24.56 -10.08
C VAL A 287 -28.03 -23.91 -11.31
N GLU A 288 -27.42 -24.19 -12.46
CA GLU A 288 -27.85 -23.59 -13.70
C GLU A 288 -29.20 -24.03 -14.25
N GLU A 289 -29.70 -25.18 -13.81
CA GLU A 289 -30.99 -25.65 -14.30
C GLU A 289 -32.11 -25.42 -13.28
N SER A 290 -31.76 -24.81 -12.15
CA SER A 290 -32.72 -24.54 -11.09
C SER A 290 -33.82 -23.57 -11.49
N ASP A 291 -35.04 -23.90 -11.09
CA ASP A 291 -36.19 -23.04 -11.37
C ASP A 291 -36.52 -22.26 -10.10
N GLY A 292 -35.69 -22.46 -9.08
CA GLY A 292 -35.87 -21.79 -7.80
C GLY A 292 -34.55 -21.49 -7.10
N LEU A 293 -33.69 -20.75 -7.79
CA LEU A 293 -32.37 -20.40 -7.26
C LEU A 293 -32.42 -19.17 -6.34
N PHE A 294 -32.22 -19.43 -5.06
CA PHE A 294 -32.25 -18.38 -4.04
C PHE A 294 -30.82 -17.91 -3.71
N LEU A 295 -30.41 -16.79 -4.30
CA LEU A 295 -29.09 -16.22 -4.03
C LEU A 295 -29.16 -15.44 -2.72
N LEU A 296 -28.85 -16.15 -1.64
CA LEU A 296 -28.90 -15.60 -0.27
C LEU A 296 -27.66 -14.80 0.16
N GLY A 297 -27.75 -13.48 0.06
CA GLY A 297 -26.66 -12.60 0.47
C GLY A 297 -25.46 -12.61 -0.46
N ALA A 298 -25.70 -12.86 -1.74
CA ALA A 298 -24.63 -12.95 -2.73
C ALA A 298 -24.16 -11.70 -3.45
N ILE A 299 -22.86 -11.68 -3.73
CA ILE A 299 -22.25 -10.60 -4.49
C ILE A 299 -22.43 -11.00 -5.95
N LEU A 300 -23.02 -10.13 -6.77
CA LEU A 300 -23.22 -10.48 -8.17
C LEU A 300 -21.97 -10.15 -8.97
N SER A 301 -20.90 -10.87 -8.65
CA SER A 301 -19.60 -10.64 -9.29
C SER A 301 -19.30 -11.57 -10.44
N ASP A 302 -18.32 -11.16 -11.25
CA ASP A 302 -17.87 -11.96 -12.37
C ASP A 302 -17.23 -13.24 -11.84
N THR A 303 -16.53 -13.13 -10.70
CA THR A 303 -15.86 -14.27 -10.10
C THR A 303 -16.87 -15.32 -9.66
N ASN A 304 -18.09 -14.89 -9.32
CA ASN A 304 -19.13 -15.81 -8.89
C ASN A 304 -20.02 -16.30 -10.04
N PHE A 305 -20.22 -15.46 -11.05
CA PHE A 305 -21.13 -15.83 -12.11
C PHE A 305 -20.68 -15.76 -13.56
N ALA A 306 -19.54 -15.14 -13.81
CA ALA A 306 -19.05 -15.04 -15.20
C ALA A 306 -18.55 -16.40 -15.67
N VAL A 307 -18.25 -17.26 -14.71
CA VAL A 307 -17.76 -18.59 -15.02
C VAL A 307 -18.92 -19.54 -15.39
N SER A 308 -20.13 -19.01 -15.44
CA SER A 308 -21.30 -19.83 -15.77
C SER A 308 -21.18 -20.39 -17.18
N GLN A 309 -21.48 -21.68 -17.29
CA GLN A 309 -21.44 -22.38 -18.56
C GLN A 309 -22.56 -21.87 -19.45
N ARG A 310 -23.75 -21.81 -18.88
CA ARG A 310 -24.95 -21.36 -19.57
C ARG A 310 -25.31 -19.98 -18.99
N LYS A 311 -25.47 -18.98 -19.84
CA LYS A 311 -25.82 -17.63 -19.39
C LYS A 311 -26.92 -17.69 -18.32
N ILE A 312 -26.66 -17.20 -17.10
CA ILE A 312 -27.67 -17.24 -16.04
C ILE A 312 -28.52 -15.98 -15.99
N ASP A 313 -29.84 -16.15 -16.01
CA ASP A 313 -30.74 -15.01 -15.96
C ASP A 313 -30.94 -14.64 -14.49
N LEU A 314 -30.21 -13.62 -14.05
CA LEU A 314 -30.29 -13.18 -12.68
C LEU A 314 -31.68 -12.69 -12.31
N ARG A 315 -32.44 -12.22 -13.29
CA ARG A 315 -33.79 -11.74 -13.02
C ARG A 315 -34.75 -12.88 -12.68
N LYS A 316 -34.38 -14.11 -13.03
CA LYS A 316 -35.24 -15.25 -12.72
C LYS A 316 -34.89 -15.82 -11.35
N THR A 317 -33.93 -15.21 -10.66
CA THR A 317 -33.52 -15.68 -9.35
C THR A 317 -34.14 -14.87 -8.23
N ILE A 318 -33.96 -15.33 -7.00
CA ILE A 318 -34.41 -14.61 -5.82
C ILE A 318 -33.09 -14.10 -5.24
N HIS A 319 -32.96 -12.78 -5.13
CA HIS A 319 -31.72 -12.19 -4.63
C HIS A 319 -31.88 -11.33 -3.38
N ALA A 320 -31.23 -11.75 -2.31
CA ALA A 320 -31.27 -11.03 -1.04
C ALA A 320 -29.86 -10.51 -0.76
N PHE A 321 -29.69 -9.20 -0.84
CA PHE A 321 -28.38 -8.57 -0.64
C PHE A 321 -28.54 -7.07 -0.38
N ASP A 322 -27.60 -6.50 0.37
CA ASP A 322 -27.63 -5.06 0.66
C ASP A 322 -28.96 -4.57 1.21
N ARG A 323 -29.53 -5.29 2.17
CA ARG A 323 -30.79 -4.92 2.79
C ARG A 323 -31.96 -4.76 1.80
N ALA A 324 -31.97 -5.58 0.76
CA ALA A 324 -33.04 -5.58 -0.23
C ALA A 324 -33.27 -7.01 -0.70
N VAL A 325 -34.44 -7.24 -1.27
CA VAL A 325 -34.76 -8.55 -1.80
C VAL A 325 -35.41 -8.31 -3.15
N THR A 326 -34.90 -9.00 -4.16
CA THR A 326 -35.41 -8.86 -5.52
C THR A 326 -35.83 -10.24 -6.05
N LEU A 327 -36.99 -10.26 -6.69
CA LEU A 327 -37.54 -11.47 -7.31
C LEU A 327 -38.78 -11.07 -8.08
N GLY A 328 -39.10 -11.83 -9.11
CA GLY A 328 -40.28 -11.55 -9.92
C GLY A 328 -40.23 -10.17 -10.54
N TYR A 329 -39.01 -9.76 -10.89
CA TYR A 329 -38.80 -8.47 -11.55
C TYR A 329 -39.07 -7.26 -10.67
N HIS A 330 -39.21 -7.48 -9.36
CA HIS A 330 -39.45 -6.37 -8.45
C HIS A 330 -38.60 -6.45 -7.19
N THR A 331 -38.41 -5.29 -6.57
CA THR A 331 -37.59 -5.20 -5.38
C THR A 331 -38.29 -4.73 -4.11
N TYR A 332 -37.97 -5.39 -3.00
CA TYR A 332 -38.47 -5.02 -1.68
C TYR A 332 -37.30 -4.29 -1.02
N ALA A 333 -37.48 -3.00 -0.73
CA ALA A 333 -36.43 -2.21 -0.10
C ALA A 333 -36.47 -2.34 1.42
N ASP A 334 -35.33 -2.03 2.04
CA ASP A 334 -35.18 -2.09 3.49
C ASP A 334 -35.55 -3.41 4.15
N ILE A 335 -35.05 -4.49 3.58
CA ILE A 335 -35.30 -5.83 4.12
C ILE A 335 -33.92 -6.41 4.52
N PRO A 336 -33.61 -6.45 5.83
CA PRO A 336 -32.33 -7.00 6.28
C PRO A 336 -32.30 -8.52 6.13
N LEU A 337 -31.15 -9.06 5.75
CA LEU A 337 -31.03 -10.50 5.56
C LEU A 337 -31.46 -11.27 6.80
N ALA A 338 -31.03 -10.81 7.96
CA ALA A 338 -31.36 -11.47 9.20
C ALA A 338 -32.87 -11.49 9.37
N GLY A 339 -33.49 -10.34 9.12
CA GLY A 339 -34.94 -10.25 9.26
C GLY A 339 -35.65 -11.24 8.37
N LEU A 340 -35.19 -11.33 7.12
CA LEU A 340 -35.79 -12.25 6.19
C LEU A 340 -35.62 -13.71 6.64
N VAL A 341 -34.40 -14.08 7.03
CA VAL A 341 -34.17 -15.45 7.47
C VAL A 341 -35.08 -15.77 8.66
N ASP A 342 -35.13 -14.89 9.65
CA ASP A 342 -36.01 -15.15 10.79
C ASP A 342 -37.46 -15.27 10.32
N ALA A 343 -37.86 -14.42 9.39
CA ALA A 343 -39.24 -14.43 8.88
C ALA A 343 -39.56 -15.75 8.19
N LEU A 344 -38.61 -16.27 7.41
CA LEU A 344 -38.82 -17.52 6.71
C LEU A 344 -38.93 -18.67 7.71
N LEU A 345 -38.03 -18.69 8.69
CA LEU A 345 -38.02 -19.72 9.71
C LEU A 345 -39.37 -19.77 10.44
N GLU A 346 -39.91 -18.59 10.74
CA GLU A 346 -41.18 -18.49 11.42
C GLU A 346 -42.32 -19.12 10.65
N ARG A 347 -42.18 -19.21 9.33
CA ARG A 347 -43.24 -19.77 8.52
C ARG A 347 -43.00 -21.24 8.12
N LEU A 348 -41.96 -21.84 8.70
CA LEU A 348 -41.63 -23.23 8.40
C LEU A 348 -41.57 -24.08 9.65
N PRO A 349 -42.24 -25.23 9.64
CA PRO A 349 -42.20 -26.09 10.82
C PRO A 349 -40.88 -26.85 10.80
N PRO A 350 -40.41 -27.31 11.96
CA PRO A 350 -39.16 -28.06 12.07
C PRO A 350 -39.04 -29.18 11.03
N SER A 351 -37.80 -29.47 10.62
CA SER A 351 -37.49 -30.50 9.63
C SER A 351 -38.67 -30.87 8.74
N PRO A 360 -23.01 -34.74 -2.06
CA PRO A 360 -21.97 -33.70 -2.00
C PRO A 360 -20.69 -34.06 -2.76
N HIS A 361 -20.04 -33.03 -3.33
CA HIS A 361 -18.80 -33.20 -4.09
C HIS A 361 -17.69 -33.77 -3.19
N ALA A 362 -17.05 -34.85 -3.65
CA ALA A 362 -15.99 -35.52 -2.90
C ALA A 362 -14.70 -34.70 -2.82
N TYR A 363 -13.98 -34.86 -1.71
CA TYR A 363 -12.72 -34.16 -1.49
C TYR A 363 -11.53 -34.99 -1.99
N PRO A 364 -10.62 -34.36 -2.76
CA PRO A 364 -9.47 -35.09 -3.25
C PRO A 364 -8.69 -35.64 -2.07
N THR A 365 -8.35 -36.93 -2.13
CA THR A 365 -7.63 -37.56 -1.04
C THR A 365 -6.67 -38.63 -1.53
N GLY A 366 -6.00 -39.30 -0.59
CA GLY A 366 -5.06 -40.36 -0.93
C GLY A 366 -3.79 -39.86 -1.58
N LEU A 367 -2.98 -39.12 -0.83
CA LEU A 367 -1.72 -38.59 -1.34
C LEU A 367 -0.63 -39.65 -1.38
N GLN A 368 0.02 -39.76 -2.54
CA GLN A 368 1.11 -40.72 -2.72
C GLN A 368 2.40 -40.07 -2.25
N ALA A 369 2.73 -40.27 -0.98
CA ALA A 369 3.92 -39.69 -0.36
C ALA A 369 5.20 -40.35 -0.84
N ASP A 370 5.52 -40.17 -2.11
CA ASP A 370 6.70 -40.80 -2.69
C ASP A 370 7.77 -39.80 -3.11
N GLY A 371 8.54 -40.19 -4.13
CA GLY A 371 9.61 -39.35 -4.64
C GLY A 371 9.27 -38.47 -5.83
N GLU A 372 8.00 -38.45 -6.22
CA GLU A 372 7.59 -37.62 -7.36
C GLU A 372 7.43 -36.13 -7.01
N PRO A 373 7.38 -35.27 -8.04
CA PRO A 373 7.23 -33.83 -7.88
C PRO A 373 5.87 -33.43 -7.29
N ILE A 374 5.85 -32.27 -6.64
CA ILE A 374 4.64 -31.76 -6.01
C ILE A 374 3.77 -30.98 -6.98
N ALA A 375 2.47 -31.24 -6.94
CA ALA A 375 1.50 -30.55 -7.78
C ALA A 375 0.45 -29.95 -6.81
N PRO A 376 -0.26 -28.87 -7.21
CA PRO A 376 -1.26 -28.25 -6.33
C PRO A 376 -2.16 -29.23 -5.61
N MET A 377 -2.81 -30.11 -6.37
CA MET A 377 -3.71 -31.10 -5.78
C MET A 377 -3.04 -32.00 -4.76
N ASP A 378 -1.72 -32.19 -4.86
CA ASP A 378 -1.05 -33.02 -3.89
C ASP A 378 -1.14 -32.32 -2.54
N ILE A 379 -1.04 -31.01 -2.54
CA ILE A 379 -1.12 -30.24 -1.30
C ILE A 379 -2.53 -30.37 -0.73
N ALA A 380 -3.52 -30.32 -1.61
CA ALA A 380 -4.91 -30.48 -1.19
C ALA A 380 -5.04 -31.84 -0.51
N ARG A 381 -4.50 -32.89 -1.15
CA ARG A 381 -4.57 -34.24 -0.59
C ARG A 381 -3.88 -34.36 0.75
N ALA A 382 -2.70 -33.77 0.88
CA ALA A 382 -1.95 -33.85 2.13
C ALA A 382 -2.79 -33.32 3.28
N VAL A 383 -3.32 -32.11 3.08
CA VAL A 383 -4.15 -31.45 4.08
C VAL A 383 -5.34 -32.32 4.42
N ASN A 384 -6.10 -32.67 3.39
CA ASN A 384 -7.28 -33.49 3.55
C ASN A 384 -6.99 -34.84 4.21
N ASP A 385 -5.84 -35.45 3.91
CA ASP A 385 -5.55 -36.75 4.52
C ASP A 385 -5.36 -36.65 6.02
N ARG A 386 -4.68 -35.60 6.49
CA ARG A 386 -4.49 -35.46 7.93
C ARG A 386 -5.84 -35.32 8.63
N VAL A 387 -6.74 -34.54 8.02
CA VAL A 387 -8.08 -34.34 8.57
C VAL A 387 -8.84 -35.65 8.64
N ARG A 388 -8.92 -36.37 7.51
CA ARG A 388 -9.60 -37.65 7.46
C ARG A 388 -8.97 -38.58 8.48
N ALA A 389 -7.67 -38.38 8.73
CA ALA A 389 -6.93 -39.20 9.67
C ALA A 389 -7.25 -38.82 11.10
N GLY A 390 -8.00 -37.73 11.28
CA GLY A 390 -8.37 -37.35 12.64
C GLY A 390 -8.08 -35.93 13.10
N GLN A 391 -7.34 -35.17 12.32
CA GLN A 391 -7.03 -33.80 12.71
C GLN A 391 -8.26 -32.92 12.43
N GLU A 392 -8.70 -32.21 13.46
CA GLU A 392 -9.83 -31.29 13.30
C GLU A 392 -9.32 -30.27 12.28
N PRO A 393 -10.10 -30.01 11.21
CA PRO A 393 -9.67 -29.04 10.20
C PRO A 393 -9.35 -27.67 10.77
N LEU A 394 -8.58 -26.89 10.02
CA LEU A 394 -8.21 -25.54 10.46
C LEU A 394 -8.90 -24.52 9.57
N LEU A 395 -9.24 -23.35 10.11
CA LEU A 395 -9.85 -22.33 9.28
C LEU A 395 -8.73 -22.01 8.31
N ILE A 396 -9.06 -21.70 7.07
CA ILE A 396 -8.03 -21.38 6.08
C ILE A 396 -8.07 -19.94 5.59
N ALA A 397 -6.89 -19.32 5.57
CA ALA A 397 -6.71 -17.97 5.07
C ALA A 397 -5.98 -18.15 3.75
N ALA A 398 -6.54 -17.59 2.69
CA ALA A 398 -5.95 -17.73 1.36
C ALA A 398 -5.75 -16.43 0.59
N ASP A 399 -4.61 -16.35 -0.09
CA ASP A 399 -4.28 -15.19 -0.90
C ASP A 399 -4.83 -15.45 -2.29
N MET A 400 -4.67 -14.51 -3.20
CA MET A 400 -5.15 -14.69 -4.56
C MET A 400 -4.05 -15.32 -5.41
N GLY A 401 -4.44 -16.31 -6.21
CA GLY A 401 -3.51 -17.05 -7.06
C GLY A 401 -3.99 -18.48 -7.09
N ASP A 402 -3.18 -19.41 -7.61
CA ASP A 402 -3.60 -20.81 -7.67
C ASP A 402 -3.81 -21.38 -6.26
N CYS A 403 -3.24 -20.72 -5.26
CA CYS A 403 -3.41 -21.17 -3.88
C CYS A 403 -4.90 -21.16 -3.50
N LEU A 404 -5.65 -20.19 -4.03
CA LEU A 404 -7.09 -20.06 -3.72
C LEU A 404 -7.91 -21.13 -4.43
N PHE A 405 -7.60 -21.37 -5.71
CA PHE A 405 -8.33 -22.37 -6.46
C PHE A 405 -8.00 -23.76 -5.96
N THR A 406 -6.90 -23.88 -5.25
CA THR A 406 -6.49 -25.16 -4.68
C THR A 406 -7.17 -25.36 -3.33
N ALA A 407 -7.33 -24.28 -2.58
CA ALA A 407 -7.98 -24.34 -1.28
C ALA A 407 -9.44 -24.72 -1.47
N MET A 408 -9.95 -24.48 -2.68
CA MET A 408 -11.34 -24.80 -3.02
C MET A 408 -11.57 -26.31 -2.86
N ASP A 409 -10.50 -27.08 -2.89
CA ASP A 409 -10.64 -28.53 -2.75
C ASP A 409 -10.05 -28.99 -1.45
N MET A 410 -10.01 -28.11 -0.46
CA MET A 410 -9.46 -28.51 0.83
C MET A 410 -10.58 -28.57 1.87
N ILE A 411 -10.39 -29.43 2.85
CA ILE A 411 -11.36 -29.57 3.93
C ILE A 411 -11.01 -28.40 4.84
N ASP A 412 -12.02 -27.68 5.32
CA ASP A 412 -11.77 -26.50 6.15
C ASP A 412 -12.75 -26.31 7.30
N ALA A 413 -12.39 -25.40 8.21
CA ALA A 413 -13.25 -25.03 9.34
C ALA A 413 -13.63 -23.58 9.05
N GLY A 414 -13.80 -23.29 7.77
CA GLY A 414 -14.14 -21.96 7.31
C GLY A 414 -13.02 -21.50 6.40
N LEU A 415 -13.30 -20.55 5.53
CA LEU A 415 -12.27 -20.04 4.62
C LEU A 415 -12.44 -18.57 4.29
N MET A 416 -11.35 -17.81 4.40
CA MET A 416 -11.42 -16.39 4.04
C MET A 416 -10.42 -16.09 2.94
N ALA A 417 -10.91 -15.40 1.91
CA ALA A 417 -10.09 -15.10 0.76
C ALA A 417 -10.70 -13.94 0.01
N PRO A 418 -9.89 -13.21 -0.75
CA PRO A 418 -10.38 -12.06 -1.52
C PRO A 418 -11.12 -12.57 -2.77
N GLY A 419 -12.18 -13.34 -2.54
CA GLY A 419 -12.94 -13.93 -3.61
C GLY A 419 -13.65 -13.03 -4.60
N TYR A 420 -13.71 -11.73 -4.34
CA TYR A 420 -14.35 -10.83 -5.28
C TYR A 420 -13.39 -9.69 -5.60
N TYR A 421 -12.82 -9.08 -4.56
CA TYR A 421 -11.89 -7.99 -4.84
C TYR A 421 -10.63 -8.55 -5.50
N ALA A 422 -10.26 -9.77 -5.14
CA ALA A 422 -9.12 -10.46 -5.73
C ALA A 422 -7.78 -9.72 -5.66
N GLY A 423 -7.56 -8.95 -4.60
CA GLY A 423 -6.29 -8.27 -4.49
C GLY A 423 -5.33 -9.18 -3.72
N MET A 424 -4.10 -9.27 -4.17
CA MET A 424 -3.08 -10.10 -3.50
C MET A 424 -2.53 -9.41 -2.26
N GLY A 425 -1.95 -10.19 -1.36
CA GLY A 425 -1.37 -9.64 -0.15
C GLY A 425 -2.21 -9.93 1.08
N PHE A 426 -3.44 -10.38 0.85
CA PHE A 426 -4.41 -10.68 1.90
C PHE A 426 -4.04 -11.90 2.76
N GLY A 427 -3.67 -12.96 2.08
CA GLY A 427 -3.36 -14.22 2.73
C GLY A 427 -2.65 -14.28 4.07
N VAL A 428 -1.37 -13.92 4.06
CA VAL A 428 -0.59 -13.99 5.29
C VAL A 428 -1.10 -13.06 6.40
N PRO A 429 -1.32 -11.77 6.10
CA PRO A 429 -1.80 -10.98 7.24
C PRO A 429 -3.18 -11.40 7.74
N ALA A 430 -3.98 -12.04 6.88
CA ALA A 430 -5.32 -12.50 7.26
C ALA A 430 -5.21 -13.63 8.25
N GLY A 431 -4.25 -14.51 7.99
CA GLY A 431 -4.02 -15.64 8.86
C GLY A 431 -3.52 -15.13 10.18
N ILE A 432 -2.70 -14.07 10.12
CA ILE A 432 -2.17 -13.48 11.34
C ILE A 432 -3.30 -12.85 12.15
N GLY A 433 -4.11 -12.01 11.50
CA GLY A 433 -5.20 -11.34 12.20
C GLY A 433 -6.18 -12.32 12.82
N ALA A 434 -6.58 -13.31 12.02
CA ALA A 434 -7.53 -14.32 12.50
C ALA A 434 -6.95 -15.05 13.70
N GLN A 435 -5.73 -15.57 13.57
CA GLN A 435 -5.14 -16.29 14.70
C GLN A 435 -5.00 -15.39 15.93
N CYS A 436 -4.75 -14.11 15.73
CA CYS A 436 -4.63 -13.19 16.87
C CYS A 436 -5.89 -13.18 17.72
N VAL A 437 -7.03 -13.50 17.12
CA VAL A 437 -8.28 -13.54 17.85
C VAL A 437 -8.89 -14.94 17.92
N SER A 438 -8.16 -15.96 17.49
CA SER A 438 -8.65 -17.34 17.47
C SER A 438 -8.59 -18.10 18.79
N GLY A 439 -8.14 -17.43 19.84
CA GLY A 439 -8.06 -18.10 21.13
C GLY A 439 -7.29 -19.41 21.15
N GLY A 440 -6.16 -19.48 20.46
CA GLY A 440 -5.37 -20.69 20.50
C GLY A 440 -5.46 -21.61 19.31
N LYS A 441 -6.51 -21.46 18.52
CA LYS A 441 -6.67 -22.31 17.33
C LYS A 441 -5.73 -21.82 16.24
N ARG A 442 -5.04 -22.77 15.59
CA ARG A 442 -4.10 -22.45 14.53
C ARG A 442 -4.81 -22.18 13.22
N ILE A 443 -4.22 -21.33 12.40
CA ILE A 443 -4.80 -21.00 11.11
C ILE A 443 -3.89 -21.52 10.01
N LEU A 444 -4.50 -22.13 8.99
CA LEU A 444 -3.72 -22.65 7.88
C LEU A 444 -3.74 -21.59 6.81
N THR A 445 -2.56 -21.16 6.37
CA THR A 445 -2.44 -20.15 5.34
C THR A 445 -1.84 -20.69 4.06
N VAL A 446 -2.46 -20.35 2.94
CA VAL A 446 -1.97 -20.75 1.64
C VAL A 446 -1.75 -19.50 0.82
N VAL A 447 -0.53 -19.36 0.32
CA VAL A 447 -0.13 -18.20 -0.47
C VAL A 447 0.93 -18.58 -1.52
N GLY A 448 0.90 -17.91 -2.66
CA GLY A 448 1.90 -18.17 -3.69
C GLY A 448 3.14 -17.30 -3.47
N ASP A 449 4.18 -17.51 -4.27
CA ASP A 449 5.43 -16.75 -4.17
C ASP A 449 5.27 -15.24 -4.49
N GLY A 450 4.42 -14.93 -5.46
CA GLY A 450 4.20 -13.54 -5.81
C GLY A 450 3.56 -12.81 -4.64
N ALA A 451 2.57 -13.43 -4.01
CA ALA A 451 1.88 -12.82 -2.89
C ALA A 451 2.76 -12.76 -1.65
N PHE A 452 3.54 -13.81 -1.41
CA PHE A 452 4.40 -13.82 -0.25
C PHE A 452 5.39 -12.68 -0.32
N GLN A 453 5.82 -12.34 -1.53
CA GLN A 453 6.78 -11.27 -1.74
C GLN A 453 6.22 -9.93 -1.27
N MET A 454 4.90 -9.80 -1.36
CA MET A 454 4.24 -8.56 -0.98
C MET A 454 4.08 -8.41 0.52
N THR A 455 3.47 -9.41 1.15
CA THR A 455 3.17 -9.31 2.57
C THR A 455 3.49 -10.51 3.43
N GLY A 456 4.02 -11.57 2.84
CA GLY A 456 4.35 -12.74 3.63
C GLY A 456 5.31 -12.40 4.75
N TRP A 457 6.07 -11.32 4.55
CA TRP A 457 7.07 -10.88 5.52
C TRP A 457 6.48 -10.52 6.89
N GLU A 458 5.17 -10.27 6.94
CA GLU A 458 4.52 -9.93 8.20
C GLU A 458 4.67 -11.04 9.24
N LEU A 459 5.01 -12.25 8.77
CA LEU A 459 5.21 -13.38 9.68
C LEU A 459 6.33 -13.10 10.70
N GLY A 460 7.21 -12.16 10.40
CA GLY A 460 8.29 -11.84 11.34
C GLY A 460 7.75 -11.28 12.66
N ASN A 461 6.46 -11.01 12.68
CA ASN A 461 5.77 -10.46 13.84
C ASN A 461 5.10 -11.53 14.69
N CYS A 462 5.03 -12.75 14.16
CA CYS A 462 4.38 -13.84 14.91
C CYS A 462 4.89 -14.05 16.31
N ARG A 463 6.19 -13.91 16.50
CA ARG A 463 6.77 -14.11 17.82
C ARG A 463 6.25 -13.07 18.82
N ARG A 464 6.33 -11.80 18.46
CA ARG A 464 5.85 -10.77 19.38
C ARG A 464 4.34 -10.90 19.60
N LEU A 465 3.60 -11.23 18.56
CA LEU A 465 2.14 -11.37 18.68
C LEU A 465 1.71 -12.66 19.40
N GLY A 466 2.59 -13.65 19.43
CA GLY A 466 2.25 -14.90 20.11
C GLY A 466 1.36 -15.88 19.34
N ILE A 467 1.58 -16.00 18.05
CA ILE A 467 0.80 -16.92 17.22
C ILE A 467 1.77 -17.80 16.43
N ASP A 468 1.31 -18.97 16.00
CA ASP A 468 2.19 -19.87 15.26
C ASP A 468 1.44 -20.50 14.10
N PRO A 469 0.99 -19.67 13.15
CA PRO A 469 0.27 -20.16 11.97
C PRO A 469 1.11 -21.12 11.15
N ILE A 470 0.42 -21.96 10.38
CA ILE A 470 1.10 -22.91 9.49
C ILE A 470 0.87 -22.31 8.14
N VAL A 471 1.96 -22.03 7.44
CA VAL A 471 1.88 -21.41 6.13
C VAL A 471 2.46 -22.31 5.05
N ILE A 472 1.65 -22.61 4.04
CA ILE A 472 2.08 -23.43 2.91
C ILE A 472 2.24 -22.50 1.72
N LEU A 473 3.50 -22.26 1.36
CA LEU A 473 3.83 -21.36 0.27
C LEU A 473 4.00 -22.12 -1.03
N PHE A 474 3.17 -21.78 -2.01
CA PHE A 474 3.22 -22.41 -3.32
C PHE A 474 4.27 -21.68 -4.11
N ASN A 475 5.50 -22.18 -4.09
CA ASN A 475 6.58 -21.54 -4.85
C ASN A 475 6.79 -22.12 -6.24
N ASN A 476 6.30 -21.42 -7.25
CA ASN A 476 6.51 -21.85 -8.63
C ASN A 476 7.32 -20.77 -9.35
N ALA A 477 8.02 -19.94 -8.58
CA ALA A 477 8.83 -18.85 -9.14
C ALA A 477 8.09 -18.22 -10.32
N SER A 478 6.88 -17.75 -10.07
CA SER A 478 6.07 -17.17 -11.14
C SER A 478 4.72 -16.60 -10.70
N TRP A 479 4.19 -15.72 -11.55
CA TRP A 479 2.85 -15.14 -11.37
C TRP A 479 2.07 -16.08 -12.28
N GLU A 480 1.95 -17.33 -11.87
CA GLU A 480 1.28 -18.35 -12.67
C GLU A 480 -0.11 -18.00 -13.22
N MET A 481 -0.99 -17.48 -12.37
CA MET A 481 -2.32 -17.14 -12.84
C MET A 481 -2.23 -16.24 -14.07
N LEU A 482 -1.30 -15.28 -14.06
CA LEU A 482 -1.15 -14.38 -15.20
C LEU A 482 -0.55 -15.07 -16.43
N ARG A 483 0.34 -16.05 -16.20
CA ARG A 483 0.92 -16.77 -17.32
C ARG A 483 -0.20 -17.61 -17.93
N THR A 484 -1.00 -18.21 -17.05
CA THR A 484 -2.14 -19.02 -17.47
C THR A 484 -3.07 -18.18 -18.33
N PHE A 485 -3.05 -16.88 -18.11
CA PHE A 485 -3.89 -15.93 -18.83
C PHE A 485 -3.32 -15.49 -20.17
N GLN A 486 -1.98 -15.38 -20.22
CA GLN A 486 -1.28 -14.92 -21.42
C GLN A 486 0.09 -15.59 -21.41
N PRO A 487 0.13 -16.89 -21.75
CA PRO A 487 1.29 -17.79 -21.82
C PRO A 487 2.53 -17.27 -22.55
N GLU A 488 2.31 -16.48 -23.60
CA GLU A 488 3.42 -15.97 -24.39
C GLU A 488 4.37 -15.00 -23.70
N SER A 489 3.84 -14.13 -22.85
CA SER A 489 4.66 -13.13 -22.17
C SER A 489 5.75 -13.65 -21.24
N ALA A 490 6.85 -12.89 -21.19
CA ALA A 490 7.99 -13.25 -20.36
C ALA A 490 8.04 -12.53 -19.01
N PHE A 491 7.32 -11.41 -18.87
CA PHE A 491 7.35 -10.67 -17.62
C PHE A 491 6.73 -11.39 -16.43
N ASN A 492 6.12 -12.55 -16.66
CA ASN A 492 5.54 -13.27 -15.53
C ASN A 492 6.53 -14.23 -14.91
N ASP A 493 7.77 -14.18 -15.40
CA ASP A 493 8.84 -15.04 -14.87
C ASP A 493 9.39 -14.38 -13.61
N LEU A 494 9.58 -15.20 -12.57
CA LEU A 494 10.11 -14.71 -11.32
C LEU A 494 11.29 -15.58 -10.85
N ASP A 495 12.23 -14.98 -10.14
CA ASP A 495 13.37 -15.71 -9.62
C ASP A 495 12.89 -16.69 -8.57
N ASP A 496 13.79 -17.56 -8.13
CA ASP A 496 13.46 -18.52 -7.10
C ASP A 496 14.00 -17.98 -5.77
N TRP A 497 13.12 -17.39 -4.97
CA TRP A 497 13.51 -16.85 -3.67
C TRP A 497 13.53 -18.01 -2.72
N ARG A 498 14.54 -18.08 -1.86
CA ARG A 498 14.61 -19.17 -0.92
C ARG A 498 13.82 -18.78 0.33
N PHE A 499 12.49 -18.78 0.20
CA PHE A 499 11.63 -18.40 1.32
C PHE A 499 11.87 -19.24 2.57
N ALA A 500 12.05 -20.55 2.41
CA ALA A 500 12.30 -21.38 3.58
C ALA A 500 13.60 -20.96 4.28
N ASP A 501 14.61 -20.59 3.50
CA ASP A 501 15.88 -20.18 4.08
C ASP A 501 15.79 -18.84 4.83
N MET A 502 14.84 -18.00 4.45
CA MET A 502 14.67 -16.69 5.09
C MET A 502 13.75 -16.73 6.31
N ALA A 503 13.02 -17.83 6.47
CA ALA A 503 12.08 -17.96 7.57
C ALA A 503 12.73 -17.78 8.93
N ALA A 504 13.92 -18.37 9.05
CA ALA A 504 14.70 -18.32 10.27
C ALA A 504 14.95 -16.89 10.70
N GLY A 505 15.27 -16.03 9.75
CA GLY A 505 15.52 -14.65 10.06
C GLY A 505 14.31 -13.93 10.63
N MET A 506 13.11 -14.41 10.29
CA MET A 506 11.87 -13.81 10.77
C MET A 506 11.37 -14.54 11.98
N GLY A 507 12.18 -15.45 12.51
CA GLY A 507 11.80 -16.18 13.70
C GLY A 507 10.87 -17.38 13.57
N GLY A 508 10.72 -17.95 12.38
CA GLY A 508 9.86 -19.13 12.24
C GLY A 508 10.66 -20.34 11.75
N ASP A 509 10.00 -21.47 11.51
CA ASP A 509 10.67 -22.66 10.99
C ASP A 509 10.29 -22.81 9.52
N GLY A 510 11.27 -22.73 8.64
CA GLY A 510 10.97 -22.86 7.22
C GLY A 510 11.60 -24.11 6.64
N VAL A 511 10.89 -24.77 5.73
CA VAL A 511 11.40 -25.98 5.08
C VAL A 511 10.90 -26.02 3.64
N ARG A 512 11.82 -26.15 2.72
CA ARG A 512 11.47 -26.24 1.31
C ARG A 512 11.26 -27.73 1.02
N VAL A 513 10.26 -28.05 0.22
CA VAL A 513 9.97 -29.43 -0.13
C VAL A 513 9.79 -29.55 -1.64
N ARG A 514 10.32 -30.61 -2.23
CA ARG A 514 10.23 -30.83 -3.67
C ARG A 514 9.46 -32.11 -3.99
N THR A 515 9.48 -33.06 -3.07
CA THR A 515 8.78 -34.34 -3.30
C THR A 515 7.58 -34.51 -2.40
N ARG A 516 6.60 -35.27 -2.90
CA ARG A 516 5.38 -35.54 -2.16
C ARG A 516 5.68 -36.11 -0.78
N ALA A 517 6.72 -36.94 -0.68
CA ALA A 517 7.09 -37.52 0.60
C ALA A 517 7.61 -36.42 1.52
N GLU A 518 8.31 -35.44 0.94
CA GLU A 518 8.84 -34.33 1.74
C GLU A 518 7.68 -33.44 2.17
N LEU A 519 6.74 -33.25 1.26
CA LEU A 519 5.56 -32.46 1.54
C LEU A 519 4.85 -33.07 2.75
N LYS A 520 4.42 -34.33 2.59
CA LYS A 520 3.72 -35.06 3.64
C LYS A 520 4.43 -34.94 4.99
N ALA A 521 5.72 -35.25 5.00
CA ALA A 521 6.50 -35.19 6.23
C ALA A 521 6.56 -33.76 6.80
N ALA A 522 6.75 -32.79 5.92
CA ALA A 522 6.83 -31.40 6.36
C ALA A 522 5.52 -31.00 7.04
N LEU A 523 4.41 -31.35 6.42
CA LEU A 523 3.11 -31.02 6.99
C LEU A 523 2.93 -31.67 8.37
N ASP A 524 3.44 -32.88 8.54
CA ASP A 524 3.29 -33.57 9.83
C ASP A 524 4.15 -32.88 10.89
N LYS A 525 5.33 -32.41 10.47
CA LYS A 525 6.23 -31.74 11.40
C LYS A 525 5.58 -30.41 11.83
N ALA A 526 5.08 -29.66 10.85
CA ALA A 526 4.45 -28.37 11.13
C ALA A 526 3.37 -28.49 12.19
N PHE A 527 2.44 -29.43 12.01
CA PHE A 527 1.36 -29.60 12.98
C PHE A 527 1.86 -30.04 14.34
N ALA A 528 2.95 -30.78 14.38
CA ALA A 528 3.48 -31.24 15.66
C ALA A 528 4.32 -30.19 16.36
N THR A 529 4.63 -29.10 15.67
CA THR A 529 5.46 -28.03 16.23
C THR A 529 4.74 -26.70 16.49
N ARG A 530 4.51 -26.37 17.75
CA ARG A 530 3.88 -25.09 18.07
C ARG A 530 4.90 -24.19 18.76
N GLY A 531 4.65 -22.88 18.72
CA GLY A 531 5.58 -21.96 19.34
C GLY A 531 6.12 -20.96 18.34
N ARG A 532 6.08 -21.30 17.06
CA ARG A 532 6.53 -20.38 16.04
C ARG A 532 5.91 -20.74 14.72
N PHE A 533 5.93 -19.80 13.78
CA PHE A 533 5.30 -20.07 12.51
C PHE A 533 6.03 -21.14 11.70
N GLN A 534 5.25 -21.95 11.00
CA GLN A 534 5.80 -23.02 10.20
C GLN A 534 5.54 -22.72 8.73
N LEU A 535 6.61 -22.46 8.00
CA LEU A 535 6.53 -22.18 6.58
C LEU A 535 6.95 -23.38 5.76
N ILE A 536 5.99 -24.00 5.08
CA ILE A 536 6.28 -25.15 4.25
C ILE A 536 6.33 -24.59 2.85
N GLU A 537 7.54 -24.45 2.33
CA GLU A 537 7.74 -23.92 0.99
C GLU A 537 7.71 -25.09 0.00
N ALA A 538 6.58 -25.18 -0.70
CA ALA A 538 6.35 -26.24 -1.67
C ALA A 538 6.79 -25.83 -3.05
N MET A 539 7.86 -26.49 -3.53
CA MET A 539 8.36 -26.21 -4.88
C MET A 539 7.40 -26.82 -5.88
N ILE A 540 6.88 -25.98 -6.77
CA ILE A 540 5.94 -26.44 -7.76
C ILE A 540 6.45 -26.02 -9.12
N PRO A 541 6.46 -26.95 -10.08
CA PRO A 541 6.94 -26.64 -11.44
C PRO A 541 6.01 -25.64 -12.12
N ARG A 542 6.55 -24.81 -13.00
CA ARG A 542 5.71 -23.85 -13.72
C ARG A 542 4.78 -24.70 -14.58
N GLY A 543 3.61 -24.16 -14.89
CA GLY A 543 2.67 -24.90 -15.73
C GLY A 543 1.90 -25.97 -15.00
N VAL A 544 2.28 -26.26 -13.77
CA VAL A 544 1.58 -27.27 -12.99
C VAL A 544 0.56 -26.53 -12.10
N LEU A 545 -0.72 -26.71 -12.42
CA LEU A 545 -1.79 -26.04 -11.69
C LEU A 545 -2.81 -27.00 -11.08
N SER A 546 -3.78 -26.40 -10.41
CA SER A 546 -4.85 -27.15 -9.81
C SER A 546 -5.78 -27.34 -10.99
N ASP A 547 -6.72 -28.27 -10.88
CA ASP A 547 -7.66 -28.51 -11.96
C ASP A 547 -8.55 -27.27 -12.20
N THR A 548 -9.04 -26.71 -11.12
CA THR A 548 -9.94 -25.55 -11.14
C THR A 548 -9.46 -24.27 -11.85
N LEU A 549 -8.25 -23.82 -11.51
CA LEU A 549 -7.71 -22.59 -12.09
C LEU A 549 -7.75 -22.52 -13.61
N ALA A 550 -7.23 -23.55 -14.25
CA ALA A 550 -7.17 -23.60 -15.71
C ALA A 550 -8.52 -23.25 -16.34
N ARG A 551 -9.54 -24.03 -15.99
CA ARG A 551 -10.86 -23.79 -16.55
C ARG A 551 -11.41 -22.42 -16.14
N PHE A 552 -11.18 -22.02 -14.89
CA PHE A 552 -11.67 -20.71 -14.43
C PHE A 552 -11.16 -19.59 -15.32
N VAL A 553 -9.85 -19.58 -15.58
CA VAL A 553 -9.28 -18.53 -16.40
C VAL A 553 -9.93 -18.49 -17.78
N GLN A 554 -10.03 -19.65 -18.43
CA GLN A 554 -10.64 -19.72 -19.76
C GLN A 554 -12.10 -19.25 -19.72
N GLY A 555 -12.77 -19.51 -18.60
CA GLY A 555 -14.15 -19.09 -18.46
C GLY A 555 -14.22 -17.58 -18.53
N GLN A 556 -13.31 -16.92 -17.80
CA GLN A 556 -13.26 -15.47 -17.79
C GLN A 556 -12.99 -14.95 -19.20
N HIS B 20 -0.79 6.48 -38.35
CA HIS B 20 -1.58 5.78 -37.31
C HIS B 20 -0.77 4.69 -36.61
N MET B 21 -1.10 4.43 -35.34
CA MET B 21 -0.44 3.38 -34.57
C MET B 21 -1.29 2.98 -33.37
N LYS B 22 -0.92 1.87 -32.73
CA LYS B 22 -1.67 1.41 -31.57
C LYS B 22 -1.54 2.44 -30.45
N LEU B 23 -2.62 2.62 -29.69
CA LEU B 23 -2.63 3.56 -28.58
C LEU B 23 -1.49 3.29 -27.59
N ALA B 24 -1.39 2.08 -27.05
CA ALA B 24 -0.34 1.76 -26.09
C ALA B 24 1.05 2.15 -26.61
N GLU B 25 1.29 1.86 -27.89
CA GLU B 25 2.57 2.18 -28.51
C GLU B 25 2.71 3.70 -28.62
N ALA B 26 1.65 4.38 -29.05
CA ALA B 26 1.71 5.82 -29.18
C ALA B 26 1.97 6.48 -27.81
N LEU B 27 1.50 5.84 -26.74
CA LEU B 27 1.71 6.38 -25.40
C LEU B 27 3.15 6.14 -24.97
N LEU B 28 3.66 4.94 -25.20
CA LEU B 28 5.02 4.63 -24.84
C LEU B 28 6.01 5.52 -25.57
N ARG B 29 5.67 5.93 -26.79
CA ARG B 29 6.57 6.77 -27.56
C ARG B 29 6.51 8.18 -27.02
N ALA B 30 5.30 8.64 -26.74
CA ALA B 30 5.10 9.98 -26.21
C ALA B 30 5.85 10.12 -24.89
N LEU B 31 5.86 9.06 -24.10
CA LEU B 31 6.57 9.07 -22.83
C LEU B 31 8.07 9.13 -23.07
N LYS B 32 8.54 8.37 -24.05
CA LYS B 32 9.96 8.36 -24.37
C LYS B 32 10.38 9.67 -25.01
N ASP B 33 9.47 10.28 -25.78
CA ASP B 33 9.79 11.54 -26.44
C ASP B 33 10.02 12.61 -25.37
N ARG B 34 9.46 12.41 -24.19
CA ARG B 34 9.62 13.39 -23.15
C ARG B 34 10.67 13.06 -22.12
N GLY B 35 11.53 12.10 -22.44
CA GLY B 35 12.61 11.76 -21.54
C GLY B 35 12.42 10.53 -20.68
N ALA B 36 11.24 9.92 -20.71
CA ALA B 36 11.03 8.73 -19.90
C ALA B 36 12.15 7.75 -20.25
N GLN B 37 12.66 7.04 -19.25
CA GLN B 37 13.75 6.10 -19.46
C GLN B 37 13.37 4.65 -19.20
N ALA B 38 12.30 4.46 -18.45
CA ALA B 38 11.84 3.12 -18.12
C ALA B 38 10.40 3.13 -17.63
N MET B 39 9.83 1.92 -17.57
CA MET B 39 8.48 1.71 -17.11
C MET B 39 8.53 0.65 -16.03
N PHE B 40 8.15 1.03 -14.81
CA PHE B 40 8.12 0.07 -13.70
C PHE B 40 6.67 -0.40 -13.58
N GLY B 41 6.46 -1.61 -13.12
CA GLY B 41 5.09 -2.07 -12.97
C GLY B 41 4.86 -3.52 -12.61
N ILE B 42 3.64 -3.80 -12.21
CA ILE B 42 3.19 -5.14 -11.87
C ILE B 42 1.91 -5.28 -12.68
N PRO B 43 1.78 -6.39 -13.41
CA PRO B 43 0.63 -6.72 -14.26
C PRO B 43 -0.60 -7.31 -13.56
N GLY B 44 -1.70 -7.34 -14.30
CA GLY B 44 -2.97 -7.86 -13.81
C GLY B 44 -3.79 -8.07 -15.05
N ASP B 45 -4.78 -8.97 -15.01
CA ASP B 45 -5.54 -9.24 -16.24
C ASP B 45 -5.99 -8.00 -17.01
N PHE B 46 -6.46 -6.97 -16.32
CA PHE B 46 -6.91 -5.77 -17.02
C PHE B 46 -5.77 -4.99 -17.71
N ALA B 47 -4.54 -5.30 -17.33
CA ALA B 47 -3.37 -4.62 -17.91
C ALA B 47 -2.50 -5.52 -18.80
N LEU B 48 -2.69 -6.83 -18.71
CA LEU B 48 -1.88 -7.77 -19.51
C LEU B 48 -1.72 -7.32 -20.94
N PRO B 49 -2.78 -6.81 -21.56
CA PRO B 49 -2.63 -6.37 -22.95
C PRO B 49 -1.58 -5.28 -23.00
N PHE B 50 -1.79 -4.21 -22.24
CA PHE B 50 -0.84 -3.10 -22.23
C PHE B 50 0.57 -3.60 -21.96
N PHE B 51 0.75 -4.46 -20.97
CA PHE B 51 2.09 -4.97 -20.69
C PHE B 51 2.65 -5.76 -21.85
N LYS B 52 1.79 -6.47 -22.57
CA LYS B 52 2.23 -7.27 -23.73
C LYS B 52 2.87 -6.35 -24.76
N VAL B 53 2.18 -5.26 -25.08
CA VAL B 53 2.71 -4.32 -26.04
C VAL B 53 4.06 -3.78 -25.59
N ALA B 54 4.10 -3.29 -24.35
CA ALA B 54 5.33 -2.74 -23.81
C ALA B 54 6.47 -3.74 -23.96
N GLU B 55 6.24 -4.97 -23.52
CA GLU B 55 7.27 -6.01 -23.59
C GLU B 55 7.72 -6.27 -25.00
N GLU B 56 6.78 -6.30 -25.93
CA GLU B 56 7.12 -6.58 -27.32
C GLU B 56 7.77 -5.40 -28.05
N THR B 57 7.18 -4.21 -27.96
CA THR B 57 7.74 -3.04 -28.64
C THR B 57 9.09 -2.61 -28.07
N GLN B 58 9.30 -2.88 -26.78
CA GLN B 58 10.55 -2.50 -26.13
C GLN B 58 10.87 -1.00 -26.25
N ILE B 59 9.82 -0.20 -26.42
CA ILE B 59 9.97 1.25 -26.52
C ILE B 59 10.60 1.79 -25.23
N LEU B 60 10.31 1.10 -24.14
CA LEU B 60 10.82 1.46 -22.81
C LEU B 60 11.13 0.18 -22.09
N PRO B 61 12.26 0.13 -21.38
CA PRO B 61 12.57 -1.10 -20.66
C PRO B 61 11.45 -1.34 -19.65
N LEU B 62 11.00 -2.57 -19.53
CA LEU B 62 9.93 -2.92 -18.60
C LEU B 62 10.49 -3.59 -17.36
N HIS B 63 10.47 -2.90 -16.23
CA HIS B 63 10.97 -3.47 -15.00
C HIS B 63 9.83 -3.85 -14.07
N THR B 64 9.80 -5.11 -13.65
CA THR B 64 8.75 -5.57 -12.75
C THR B 64 9.31 -5.58 -11.35
N LEU B 65 8.44 -5.48 -10.36
CA LEU B 65 8.85 -5.49 -8.96
C LEU B 65 7.86 -6.37 -8.21
N SER B 66 8.07 -6.54 -6.90
CA SER B 66 7.22 -7.39 -6.10
C SER B 66 5.88 -6.85 -5.60
N HIS B 67 5.87 -5.59 -5.13
CA HIS B 67 4.65 -4.98 -4.57
C HIS B 67 4.44 -3.57 -5.16
N GLU B 68 3.20 -3.20 -5.47
CA GLU B 68 2.91 -1.89 -6.08
C GLU B 68 3.51 -0.65 -5.40
N PRO B 69 3.58 -0.63 -4.06
CA PRO B 69 4.17 0.58 -3.48
C PRO B 69 5.58 0.83 -4.08
N ALA B 70 6.38 -0.23 -4.20
CA ALA B 70 7.73 -0.08 -4.75
C ALA B 70 7.65 0.42 -6.18
N VAL B 71 6.64 -0.05 -6.92
CA VAL B 71 6.48 0.42 -8.30
C VAL B 71 6.42 1.94 -8.29
N GLY B 72 5.59 2.49 -7.41
CA GLY B 72 5.44 3.94 -7.36
C GLY B 72 6.71 4.67 -6.95
N PHE B 73 7.30 4.21 -5.86
CA PHE B 73 8.53 4.81 -5.35
C PHE B 73 9.67 4.78 -6.39
N ALA B 74 9.81 3.65 -7.09
CA ALA B 74 10.88 3.50 -8.09
C ALA B 74 10.64 4.44 -9.25
N ALA B 75 9.41 4.45 -9.75
CA ALA B 75 9.07 5.33 -10.86
C ALA B 75 9.40 6.74 -10.43
N ASP B 76 9.08 7.03 -9.16
CA ASP B 76 9.32 8.35 -8.56
C ASP B 76 10.82 8.61 -8.43
N ALA B 77 11.57 7.63 -7.96
CA ALA B 77 13.02 7.81 -7.81
C ALA B 77 13.63 8.08 -9.19
N ALA B 78 13.20 7.31 -10.19
CA ALA B 78 13.70 7.46 -11.54
C ALA B 78 13.44 8.86 -12.08
N ALA B 79 12.28 9.42 -11.77
CA ALA B 79 11.96 10.76 -12.24
C ALA B 79 12.85 11.76 -11.52
N ARG B 80 13.12 11.51 -10.24
CA ARG B 80 13.95 12.42 -9.48
C ARG B 80 15.40 12.39 -9.94
N TYR B 81 15.88 11.20 -10.26
CA TYR B 81 17.24 11.02 -10.68
C TYR B 81 17.55 11.80 -11.96
N SER B 82 16.68 11.69 -12.96
CA SER B 82 16.91 12.35 -14.24
C SER B 82 16.12 13.62 -14.51
N SER B 83 15.41 14.11 -13.51
CA SER B 83 14.62 15.32 -13.70
C SER B 83 13.74 15.16 -14.92
N THR B 84 13.07 14.01 -15.02
CA THR B 84 12.20 13.72 -16.15
C THR B 84 10.93 13.01 -15.68
N LEU B 85 10.15 12.45 -16.60
CA LEU B 85 8.94 11.74 -16.20
C LEU B 85 9.27 10.34 -15.68
N GLY B 86 8.41 9.84 -14.81
CA GLY B 86 8.59 8.49 -14.28
C GLY B 86 7.38 7.72 -14.77
N VAL B 87 7.50 6.41 -14.98
CA VAL B 87 6.37 5.65 -15.48
C VAL B 87 6.08 4.41 -14.63
N ALA B 88 4.89 4.39 -14.03
CA ALA B 88 4.42 3.28 -13.19
C ALA B 88 3.15 2.67 -13.77
N ALA B 89 3.22 1.40 -14.17
CA ALA B 89 2.10 0.70 -14.76
C ALA B 89 1.58 -0.35 -13.81
N VAL B 90 0.27 -0.29 -13.53
CA VAL B 90 -0.34 -1.24 -12.61
C VAL B 90 -1.68 -1.72 -13.17
N THR B 91 -2.28 -2.69 -12.50
CA THR B 91 -3.59 -3.19 -12.93
C THR B 91 -4.70 -2.45 -12.17
N TYR B 92 -5.93 -2.59 -12.65
CA TYR B 92 -7.12 -1.95 -12.08
C TYR B 92 -7.36 -2.32 -10.59
N GLY B 93 -7.78 -1.34 -9.79
CA GLY B 93 -8.10 -1.60 -8.39
C GLY B 93 -7.02 -2.14 -7.46
N ALA B 94 -6.83 -3.46 -7.46
CA ALA B 94 -5.84 -4.11 -6.58
C ALA B 94 -4.42 -3.61 -6.85
N GLY B 95 -4.20 -3.07 -8.04
CA GLY B 95 -2.89 -2.56 -8.34
C GLY B 95 -2.84 -1.07 -8.06
N ALA B 96 -3.70 -0.32 -8.74
CA ALA B 96 -3.75 1.12 -8.60
C ALA B 96 -3.92 1.62 -7.17
N PHE B 97 -4.95 1.12 -6.48
CA PHE B 97 -5.20 1.57 -5.11
C PHE B 97 -4.03 1.30 -4.20
N ASN B 98 -3.26 0.25 -4.49
CA ASN B 98 -2.11 -0.10 -3.65
C ASN B 98 -0.92 0.82 -3.89
N MET B 99 -1.13 1.81 -4.74
CA MET B 99 -0.08 2.74 -5.07
C MET B 99 -0.46 4.19 -4.69
N VAL B 100 -1.60 4.34 -4.04
CA VAL B 100 -2.09 5.65 -3.62
C VAL B 100 -1.12 6.42 -2.73
N ASN B 101 -0.47 5.71 -1.82
CA ASN B 101 0.46 6.32 -0.88
C ASN B 101 1.72 6.87 -1.53
N ALA B 102 2.28 6.11 -2.47
CA ALA B 102 3.50 6.54 -3.15
C ALA B 102 3.19 7.74 -4.03
N VAL B 103 2.02 7.71 -4.67
CA VAL B 103 1.63 8.80 -5.56
C VAL B 103 1.34 10.10 -4.78
N ALA B 104 0.68 9.99 -3.62
CA ALA B 104 0.42 11.19 -2.81
C ALA B 104 1.76 11.79 -2.40
N GLY B 105 2.72 10.92 -2.10
CA GLY B 105 4.04 11.38 -1.72
C GLY B 105 4.76 12.06 -2.87
N ALA B 106 4.63 11.50 -4.08
CA ALA B 106 5.26 12.09 -5.25
C ALA B 106 4.56 13.40 -5.56
N TYR B 107 3.27 13.46 -5.23
CA TYR B 107 2.51 14.70 -5.46
C TYR B 107 3.04 15.75 -4.49
N ALA B 108 3.17 15.36 -3.24
CA ALA B 108 3.65 16.28 -2.20
C ALA B 108 5.07 16.75 -2.47
N GLU B 109 5.88 15.86 -3.03
CA GLU B 109 7.26 16.23 -3.29
C GLU B 109 7.56 16.58 -4.75
N LYS B 110 6.51 16.98 -5.47
CA LYS B 110 6.61 17.43 -6.85
C LYS B 110 7.44 16.57 -7.84
N SER B 111 7.18 15.26 -7.87
CA SER B 111 7.85 14.35 -8.81
C SER B 111 6.79 13.94 -9.84
N PRO B 112 7.05 14.21 -11.13
CA PRO B 112 6.04 13.84 -12.15
C PRO B 112 5.95 12.35 -12.48
N VAL B 113 5.24 11.61 -11.65
CA VAL B 113 5.07 10.18 -11.87
C VAL B 113 3.82 9.98 -12.73
N VAL B 114 3.97 9.26 -13.84
CA VAL B 114 2.82 9.02 -14.71
C VAL B 114 2.26 7.66 -14.38
N VAL B 115 1.06 7.67 -13.80
CA VAL B 115 0.38 6.46 -13.39
C VAL B 115 -0.42 5.88 -14.55
N ILE B 116 -0.08 4.68 -14.97
CA ILE B 116 -0.84 4.07 -16.05
C ILE B 116 -1.58 2.89 -15.49
N SER B 117 -2.91 2.95 -15.53
CA SER B 117 -3.71 1.85 -15.02
C SER B 117 -4.53 1.15 -16.09
N GLY B 118 -4.52 -0.18 -16.01
CA GLY B 118 -5.33 -0.96 -16.92
C GLY B 118 -6.73 -0.84 -16.36
N ALA B 119 -7.74 -0.87 -17.22
CA ALA B 119 -9.12 -0.75 -16.77
C ALA B 119 -10.01 -1.74 -17.53
N PRO B 120 -11.29 -1.83 -17.16
CA PRO B 120 -12.17 -2.77 -17.86
C PRO B 120 -12.47 -2.24 -19.25
N GLY B 121 -12.75 -3.15 -20.18
CA GLY B 121 -13.08 -2.75 -21.54
C GLY B 121 -14.25 -1.80 -21.51
N THR B 122 -14.33 -0.93 -22.50
CA THR B 122 -15.40 0.05 -22.60
C THR B 122 -16.80 -0.57 -22.71
N THR B 123 -16.86 -1.88 -22.87
CA THR B 123 -18.16 -2.53 -22.96
C THR B 123 -18.41 -3.51 -21.83
N GLU B 124 -17.41 -3.73 -20.98
CA GLU B 124 -17.58 -4.64 -19.87
C GLU B 124 -18.39 -3.95 -18.78
N GLY B 125 -18.93 -4.72 -17.84
CA GLY B 125 -19.72 -4.14 -16.76
C GLY B 125 -21.16 -3.82 -17.12
N ASN B 126 -21.63 -4.39 -18.22
CA ASN B 126 -23.00 -4.16 -18.65
C ASN B 126 -23.73 -5.49 -18.81
N ALA B 127 -23.36 -6.44 -17.96
CA ALA B 127 -23.98 -7.77 -17.96
C ALA B 127 -24.61 -8.01 -16.60
N GLY B 128 -24.94 -6.91 -15.92
CA GLY B 128 -25.54 -7.01 -14.61
C GLY B 128 -24.61 -7.55 -13.54
N LEU B 129 -23.31 -7.53 -13.84
CA LEU B 129 -22.33 -8.06 -12.89
C LEU B 129 -21.28 -7.06 -12.46
N LEU B 130 -20.78 -7.23 -11.25
CA LEU B 130 -19.73 -6.38 -10.73
C LEU B 130 -18.42 -7.02 -11.17
N LEU B 131 -17.40 -6.20 -11.40
CA LEU B 131 -16.11 -6.72 -11.84
C LEU B 131 -15.09 -6.74 -10.71
N HIS B 132 -14.32 -7.82 -10.64
CA HIS B 132 -13.29 -7.95 -9.62
C HIS B 132 -12.34 -6.73 -9.74
N HIS B 133 -11.92 -6.19 -8.60
CA HIS B 133 -11.02 -5.04 -8.52
C HIS B 133 -11.72 -3.68 -8.52
N GLN B 134 -12.99 -3.65 -8.91
CA GLN B 134 -13.69 -2.37 -8.96
C GLN B 134 -14.06 -1.85 -7.58
N GLY B 135 -14.16 -0.53 -7.47
CA GLY B 135 -14.57 0.07 -6.22
C GLY B 135 -16.11 0.07 -6.20
N ARG B 136 -16.70 0.93 -5.37
CA ARG B 136 -18.15 1.02 -5.29
C ARG B 136 -18.71 1.16 -6.72
N THR B 137 -18.11 2.03 -7.51
CA THR B 137 -18.52 2.19 -8.91
C THR B 137 -17.28 1.98 -9.78
N LEU B 138 -17.48 1.79 -11.09
CA LEU B 138 -16.34 1.57 -11.98
C LEU B 138 -15.48 2.84 -12.10
N ASP B 139 -16.05 3.98 -11.74
CA ASP B 139 -15.32 5.25 -11.82
C ASP B 139 -14.72 5.63 -10.46
N THR B 140 -14.91 4.77 -9.46
CA THR B 140 -14.38 5.04 -8.12
C THR B 140 -12.87 5.31 -8.12
N GLN B 141 -12.11 4.42 -8.75
CA GLN B 141 -10.65 4.57 -8.80
C GLN B 141 -10.27 5.91 -9.40
N PHE B 142 -11.01 6.32 -10.42
CA PHE B 142 -10.72 7.58 -11.07
C PHE B 142 -10.92 8.72 -10.09
N GLN B 143 -12.01 8.66 -9.33
CA GLN B 143 -12.32 9.74 -8.40
C GLN B 143 -11.26 9.85 -7.31
N VAL B 144 -10.72 8.71 -6.91
CA VAL B 144 -9.68 8.69 -5.88
C VAL B 144 -8.42 9.38 -6.40
N PHE B 145 -7.97 8.97 -7.59
CA PHE B 145 -6.76 9.56 -8.15
C PHE B 145 -6.83 11.04 -8.46
N LYS B 146 -8.04 11.56 -8.69
CA LYS B 146 -8.16 12.99 -8.96
C LYS B 146 -7.62 13.77 -7.76
N GLU B 147 -7.64 13.15 -6.60
CA GLU B 147 -7.18 13.78 -5.36
C GLU B 147 -5.66 13.82 -5.21
N ILE B 148 -4.96 12.97 -5.94
CA ILE B 148 -3.52 12.94 -5.82
C ILE B 148 -2.75 13.13 -7.12
N THR B 149 -3.42 13.70 -8.12
CA THR B 149 -2.80 13.97 -9.43
C THR B 149 -3.24 15.35 -9.92
N VAL B 150 -2.47 15.95 -10.83
CA VAL B 150 -2.80 17.28 -11.33
C VAL B 150 -3.64 17.23 -12.60
N ALA B 151 -3.71 16.05 -13.21
CA ALA B 151 -4.48 15.87 -14.43
C ALA B 151 -4.72 14.38 -14.59
N GLN B 152 -5.86 14.03 -15.19
CA GLN B 152 -6.21 12.63 -15.40
C GLN B 152 -6.91 12.46 -16.74
N ALA B 153 -6.88 11.26 -17.29
CA ALA B 153 -7.55 11.01 -18.55
C ALA B 153 -7.89 9.55 -18.69
N ARG B 154 -9.10 9.29 -19.17
CA ARG B 154 -9.52 7.93 -19.41
C ARG B 154 -9.43 7.83 -20.93
N LEU B 155 -8.49 7.03 -21.42
CA LEU B 155 -8.30 6.89 -22.86
C LEU B 155 -9.32 5.91 -23.46
N ASP B 156 -10.57 6.36 -23.53
CA ASP B 156 -11.65 5.55 -24.07
C ASP B 156 -12.15 5.99 -25.44
N ASP B 157 -11.48 6.97 -26.06
CA ASP B 157 -11.85 7.47 -27.37
C ASP B 157 -10.57 7.62 -28.21
N PRO B 158 -10.30 6.66 -29.12
CA PRO B 158 -9.10 6.68 -29.96
C PRO B 158 -8.93 8.00 -30.68
N ALA B 159 -10.04 8.55 -31.15
CA ALA B 159 -10.00 9.82 -31.85
C ALA B 159 -9.38 10.88 -30.97
N LYS B 160 -9.66 10.83 -29.68
CA LYS B 160 -9.16 11.83 -28.77
C LYS B 160 -7.96 11.47 -27.89
N ALA B 161 -7.58 10.20 -27.88
CA ALA B 161 -6.46 9.79 -27.05
C ALA B 161 -5.18 10.61 -27.21
N PRO B 162 -4.73 10.80 -28.46
CA PRO B 162 -3.51 11.57 -28.74
C PRO B 162 -3.43 12.93 -28.04
N ALA B 163 -4.48 13.72 -28.21
CA ALA B 163 -4.55 15.06 -27.61
C ALA B 163 -4.61 14.99 -26.09
N GLU B 164 -5.26 13.94 -25.59
CA GLU B 164 -5.37 13.76 -24.16
C GLU B 164 -4.00 13.41 -23.57
N ILE B 165 -3.30 12.48 -24.21
CA ILE B 165 -1.97 12.10 -23.77
C ILE B 165 -1.14 13.37 -23.68
N ALA B 166 -1.27 14.22 -24.69
CA ALA B 166 -0.51 15.48 -24.76
C ALA B 166 -0.84 16.44 -23.62
N ARG B 167 -2.12 16.65 -23.38
CA ARG B 167 -2.56 17.55 -22.32
C ARG B 167 -2.05 17.04 -20.97
N VAL B 168 -2.36 15.80 -20.66
CA VAL B 168 -1.98 15.20 -19.39
C VAL B 168 -0.47 15.15 -19.14
N LEU B 169 0.30 14.60 -20.08
CA LEU B 169 1.74 14.53 -19.90
C LEU B 169 2.34 15.92 -19.81
N GLY B 170 1.71 16.88 -20.47
CA GLY B 170 2.20 18.24 -20.44
C GLY B 170 2.02 18.89 -19.08
N ALA B 171 0.90 18.59 -18.43
CA ALA B 171 0.61 19.12 -17.11
C ALA B 171 1.60 18.53 -16.11
N ALA B 172 1.92 17.25 -16.30
CA ALA B 172 2.85 16.55 -15.43
C ALA B 172 4.20 17.20 -15.54
N ARG B 173 4.56 17.59 -16.75
CA ARG B 173 5.84 18.22 -16.98
C ARG B 173 5.88 19.66 -16.46
N ALA B 174 4.84 20.43 -16.76
CA ALA B 174 4.80 21.82 -16.33
C ALA B 174 4.62 22.02 -14.82
N GLN B 175 3.75 21.23 -14.21
CA GLN B 175 3.50 21.37 -12.79
C GLN B 175 4.41 20.45 -11.96
N SER B 176 5.11 19.55 -12.65
CA SER B 176 5.99 18.59 -12.01
C SER B 176 5.29 17.79 -10.91
N ARG B 177 4.10 17.26 -11.24
CA ARG B 177 3.38 16.43 -10.28
C ARG B 177 2.83 15.20 -10.99
N PRO B 178 2.31 14.23 -10.23
CA PRO B 178 1.78 13.03 -10.87
C PRO B 178 0.55 13.28 -11.74
N VAL B 179 0.32 12.36 -12.67
CA VAL B 179 -0.84 12.43 -13.54
C VAL B 179 -1.42 11.03 -13.62
N TYR B 180 -2.66 10.92 -14.05
CA TYR B 180 -3.33 9.62 -14.10
C TYR B 180 -3.85 9.25 -15.48
N LEU B 181 -3.44 8.08 -15.97
CA LEU B 181 -3.92 7.62 -17.26
C LEU B 181 -4.62 6.29 -17.08
N GLU B 182 -5.88 6.24 -17.47
CA GLU B 182 -6.69 5.03 -17.34
C GLU B 182 -6.94 4.45 -18.73
N ILE B 183 -6.53 3.20 -18.93
CA ILE B 183 -6.68 2.55 -20.23
C ILE B 183 -7.57 1.30 -20.26
N PRO B 184 -8.75 1.41 -20.91
CA PRO B 184 -9.65 0.24 -21.00
C PRO B 184 -8.85 -0.82 -21.77
N ARG B 185 -8.94 -2.10 -21.38
CA ARG B 185 -8.14 -3.11 -22.10
C ARG B 185 -8.48 -3.35 -23.57
N ASN B 186 -9.63 -2.87 -24.04
CA ASN B 186 -9.98 -3.08 -25.44
C ASN B 186 -9.55 -1.86 -26.27
N MET B 187 -8.78 -0.97 -25.64
CA MET B 187 -8.29 0.23 -26.31
C MET B 187 -6.77 0.18 -26.48
N VAL B 188 -6.14 -0.75 -25.77
CA VAL B 188 -4.68 -0.93 -25.83
C VAL B 188 -4.16 -0.97 -27.24
N ASN B 189 -4.75 -1.84 -28.07
CA ASN B 189 -4.32 -1.97 -29.45
C ASN B 189 -5.23 -1.26 -30.44
N ALA B 190 -5.74 -0.09 -30.09
CA ALA B 190 -6.61 0.66 -31.00
C ALA B 190 -5.83 1.69 -31.78
N GLU B 191 -6.09 1.74 -33.08
CA GLU B 191 -5.40 2.66 -33.98
C GLU B 191 -5.67 4.12 -33.66
N VAL B 192 -4.59 4.91 -33.56
CA VAL B 192 -4.69 6.34 -33.28
C VAL B 192 -3.55 7.04 -34.00
N GLU B 193 -3.59 8.36 -34.02
CA GLU B 193 -2.53 9.14 -34.64
C GLU B 193 -1.42 9.30 -33.59
N PRO B 194 -0.22 9.74 -34.00
CA PRO B 194 0.84 9.89 -33.01
C PRO B 194 0.57 11.11 -32.09
N VAL B 195 1.13 11.08 -30.89
CA VAL B 195 0.92 12.18 -29.95
C VAL B 195 1.84 13.36 -30.31
N GLY B 196 1.27 14.58 -30.30
CA GLY B 196 2.05 15.77 -30.61
C GLY B 196 2.71 16.39 -29.38
N ASP B 197 3.08 17.67 -29.47
CA ASP B 197 3.73 18.37 -28.35
C ASP B 197 2.73 18.75 -27.27
N ASP B 198 3.23 19.05 -26.07
CA ASP B 198 2.35 19.45 -24.98
C ASP B 198 1.76 20.80 -25.36
N PRO B 199 0.61 21.16 -24.76
CA PRO B 199 0.02 22.46 -25.09
C PRO B 199 0.98 23.51 -24.56
N ALA B 200 0.90 24.72 -25.07
CA ALA B 200 1.81 25.77 -24.63
C ALA B 200 1.24 26.63 -23.50
N TRP B 201 2.04 26.80 -22.45
CA TRP B 201 1.69 27.63 -21.31
C TRP B 201 2.49 28.91 -21.55
N PRO B 202 1.97 29.82 -22.39
CA PRO B 202 2.67 31.07 -22.68
C PRO B 202 2.86 31.98 -21.46
N VAL B 203 4.09 32.42 -21.23
CA VAL B 203 4.41 33.28 -20.09
C VAL B 203 4.40 34.73 -20.53
N ASP B 204 3.82 35.61 -19.71
CA ASP B 204 3.78 37.02 -20.04
C ASP B 204 5.18 37.60 -19.81
N ARG B 205 5.86 37.95 -20.90
CA ARG B 205 7.22 38.48 -20.82
C ARG B 205 7.32 39.75 -19.97
N ASP B 206 6.31 40.60 -20.03
CA ASP B 206 6.30 41.83 -19.25
C ASP B 206 6.23 41.55 -17.75
N ALA B 207 5.43 40.58 -17.37
CA ALA B 207 5.29 40.24 -15.97
C ALA B 207 6.63 39.67 -15.50
N LEU B 208 7.18 38.77 -16.31
CA LEU B 208 8.45 38.15 -15.99
C LEU B 208 9.51 39.22 -15.76
N ALA B 209 9.55 40.21 -16.64
CA ALA B 209 10.53 41.29 -16.53
C ALA B 209 10.38 42.07 -15.23
N ALA B 210 9.14 42.43 -14.92
CA ALA B 210 8.87 43.18 -13.69
C ALA B 210 9.28 42.34 -12.49
N CYS B 211 8.95 41.06 -12.52
CA CYS B 211 9.28 40.14 -11.43
C CYS B 211 10.78 40.02 -11.19
N ALA B 212 11.52 39.75 -12.26
CA ALA B 212 12.97 39.62 -12.15
C ALA B 212 13.61 40.91 -11.64
N ASP B 213 13.18 42.05 -12.14
CA ASP B 213 13.76 43.32 -11.72
C ASP B 213 13.55 43.54 -10.22
N GLU B 214 12.35 43.22 -9.74
CA GLU B 214 12.06 43.41 -8.32
C GLU B 214 12.83 42.46 -7.41
N VAL B 215 12.90 41.18 -7.80
CA VAL B 215 13.64 40.19 -7.02
C VAL B 215 15.12 40.59 -6.94
N LEU B 216 15.69 40.96 -8.09
CA LEU B 216 17.09 41.38 -8.16
C LEU B 216 17.37 42.62 -7.31
N ALA B 217 16.44 43.57 -7.32
CA ALA B 217 16.57 44.79 -6.54
C ALA B 217 16.56 44.46 -5.05
N ALA B 218 15.68 43.55 -4.66
CA ALA B 218 15.57 43.13 -3.27
C ALA B 218 16.87 42.45 -2.83
N MET B 219 17.42 41.58 -3.68
CA MET B 219 18.66 40.90 -3.33
C MET B 219 19.82 41.88 -3.20
N ARG B 220 19.87 42.87 -4.07
CA ARG B 220 20.93 43.88 -4.02
C ARG B 220 20.82 44.85 -2.87
N SER B 221 19.60 45.09 -2.38
CA SER B 221 19.48 46.02 -1.26
C SER B 221 19.72 45.32 0.07
N ALA B 222 19.64 43.99 0.08
CA ALA B 222 19.87 43.25 1.33
C ALA B 222 21.36 43.30 1.69
N THR B 223 21.69 43.41 2.98
CA THR B 223 23.09 43.43 3.38
C THR B 223 23.57 41.99 3.58
N SER B 224 22.64 41.08 3.88
CA SER B 224 23.04 39.68 4.05
C SER B 224 22.08 38.70 3.37
N PRO B 225 22.05 38.72 2.04
CA PRO B 225 21.19 37.86 1.22
C PRO B 225 21.63 36.41 1.29
N VAL B 226 20.68 35.51 1.14
CA VAL B 226 20.95 34.09 1.17
C VAL B 226 20.05 33.42 0.14
N LEU B 227 20.65 32.64 -0.76
CA LEU B 227 19.89 31.92 -1.76
C LEU B 227 19.65 30.52 -1.18
N MET B 228 18.39 30.20 -0.89
CA MET B 228 18.02 28.92 -0.31
C MET B 228 17.30 28.07 -1.36
N VAL B 229 17.91 26.94 -1.74
CA VAL B 229 17.35 26.07 -2.76
C VAL B 229 16.60 24.85 -2.22
N CYS B 230 15.56 24.45 -2.95
CA CYS B 230 14.72 23.33 -2.54
C CYS B 230 14.32 22.51 -3.78
N VAL B 231 13.41 21.55 -3.62
CA VAL B 231 13.01 20.65 -4.72
C VAL B 231 12.86 21.11 -6.16
N GLU B 232 12.12 22.17 -6.41
CA GLU B 232 11.93 22.58 -7.79
C GLU B 232 13.22 22.80 -8.56
N VAL B 233 14.30 23.18 -7.88
CA VAL B 233 15.55 23.40 -8.58
C VAL B 233 15.98 22.14 -9.34
N ARG B 234 15.84 20.98 -8.72
CA ARG B 234 16.19 19.72 -9.37
C ARG B 234 15.10 19.35 -10.38
N ARG B 235 13.85 19.40 -9.92
CA ARG B 235 12.71 19.03 -10.77
C ARG B 235 12.79 19.64 -12.16
N TYR B 236 13.11 20.93 -12.22
CA TYR B 236 13.21 21.62 -13.51
C TYR B 236 14.65 21.66 -14.05
N GLY B 237 15.51 20.81 -13.51
CA GLY B 237 16.90 20.73 -13.95
C GLY B 237 17.64 22.05 -13.96
N LEU B 238 17.41 22.85 -12.92
CA LEU B 238 18.03 24.16 -12.80
C LEU B 238 19.29 24.21 -11.91
N GLU B 239 19.81 23.05 -11.50
CA GLU B 239 20.98 23.09 -10.63
C GLU B 239 22.20 23.83 -11.17
N ALA B 240 22.56 23.59 -12.43
CA ALA B 240 23.71 24.28 -13.00
C ALA B 240 23.43 25.78 -13.13
N LYS B 241 22.22 26.14 -13.55
CA LYS B 241 21.89 27.55 -13.70
C LYS B 241 21.77 28.30 -12.38
N VAL B 242 21.32 27.60 -11.34
CA VAL B 242 21.18 28.22 -10.02
C VAL B 242 22.58 28.41 -9.43
N ALA B 243 23.47 27.44 -9.65
CA ALA B 243 24.85 27.56 -9.15
C ALA B 243 25.52 28.78 -9.81
N GLU B 244 25.24 28.99 -11.09
CA GLU B 244 25.79 30.15 -11.80
C GLU B 244 25.15 31.42 -11.23
N LEU B 245 23.85 31.35 -10.99
CA LEU B 245 23.11 32.48 -10.45
C LEU B 245 23.71 32.95 -9.14
N ALA B 246 24.00 32.00 -8.26
CA ALA B 246 24.59 32.31 -6.96
C ALA B 246 25.95 32.98 -7.13
N GLN B 247 26.71 32.46 -8.07
CA GLN B 247 28.04 32.97 -8.36
C GLN B 247 27.98 34.42 -8.81
N ARG B 248 27.11 34.70 -9.78
CA ARG B 248 26.97 36.06 -10.30
C ARG B 248 26.45 37.00 -9.22
N LEU B 249 25.55 36.52 -8.38
CA LEU B 249 24.99 37.33 -7.30
C LEU B 249 26.00 37.49 -6.16
N GLY B 250 26.94 36.56 -6.05
CA GLY B 250 27.92 36.64 -4.98
C GLY B 250 27.22 36.35 -3.66
N VAL B 251 26.28 35.40 -3.66
CA VAL B 251 25.60 35.10 -2.41
C VAL B 251 25.73 33.64 -2.05
N PRO B 252 25.78 33.34 -0.74
CA PRO B 252 25.90 31.96 -0.28
C PRO B 252 24.65 31.17 -0.62
N VAL B 253 24.83 29.88 -0.90
CA VAL B 253 23.72 29.01 -1.20
C VAL B 253 23.56 28.02 -0.05
N VAL B 254 22.32 27.84 0.40
CA VAL B 254 21.99 26.89 1.45
C VAL B 254 20.79 26.08 0.97
N THR B 255 20.70 24.81 1.32
CA THR B 255 19.56 24.03 0.88
C THR B 255 18.59 23.92 2.03
N THR B 256 17.35 23.55 1.71
CA THR B 256 16.38 23.33 2.75
C THR B 256 16.65 21.89 3.18
N PHE B 257 15.90 21.42 4.17
CA PHE B 257 16.04 20.05 4.65
C PHE B 257 15.68 19.15 3.48
N MET B 258 14.57 19.49 2.82
CA MET B 258 14.07 18.74 1.68
C MET B 258 15.08 18.78 0.54
N GLY B 259 15.71 19.95 0.36
CA GLY B 259 16.68 20.12 -0.71
C GLY B 259 18.10 19.58 -0.49
N ARG B 260 18.33 18.90 0.62
CA ARG B 260 19.65 18.33 0.90
C ARG B 260 20.04 17.50 -0.31
N GLY B 261 21.24 17.75 -0.83
CA GLY B 261 21.70 16.98 -1.98
C GLY B 261 21.78 17.79 -3.26
N LEU B 262 21.10 18.94 -3.26
CA LEU B 262 21.09 19.81 -4.43
C LEU B 262 22.48 20.41 -4.67
N LEU B 263 22.75 20.72 -5.94
CA LEU B 263 24.02 21.30 -6.39
C LEU B 263 25.24 20.50 -5.95
N ALA B 264 25.08 19.18 -5.92
CA ALA B 264 26.14 18.26 -5.54
C ALA B 264 27.30 18.31 -6.53
N ASP B 265 27.01 18.64 -7.79
CA ASP B 265 28.05 18.69 -8.79
C ASP B 265 28.39 20.11 -9.26
N ALA B 266 28.19 21.09 -8.38
CA ALA B 266 28.50 22.47 -8.72
C ALA B 266 29.93 22.79 -8.29
N PRO B 267 30.60 23.71 -9.00
CA PRO B 267 31.98 24.11 -8.68
C PRO B 267 32.09 24.46 -7.20
N THR B 268 31.16 25.32 -6.77
CA THR B 268 31.09 25.77 -5.39
C THR B 268 29.82 25.17 -4.81
N PRO B 269 29.95 24.15 -3.94
CA PRO B 269 28.75 23.55 -3.35
C PRO B 269 28.09 24.50 -2.36
N PRO B 270 26.86 24.18 -1.94
CA PRO B 270 26.14 25.01 -0.98
C PRO B 270 26.95 25.10 0.32
N LEU B 271 26.75 26.16 1.08
CA LEU B 271 27.43 26.33 2.36
C LEU B 271 26.99 25.19 3.29
N GLY B 272 25.72 24.82 3.19
CA GLY B 272 25.23 23.77 4.04
C GLY B 272 23.74 23.58 3.91
N THR B 273 23.17 22.81 4.83
CA THR B 273 21.75 22.54 4.83
C THR B 273 21.08 23.11 6.08
N TYR B 274 20.04 23.92 5.89
CA TYR B 274 19.34 24.53 7.01
C TYR B 274 18.39 23.56 7.68
N ILE B 275 18.51 23.45 9.00
CA ILE B 275 17.62 22.58 9.76
C ILE B 275 17.35 23.19 11.14
N GLY B 276 17.37 24.53 11.20
CA GLY B 276 17.11 25.24 12.44
C GLY B 276 17.88 24.73 13.65
N VAL B 277 17.18 24.45 14.74
CA VAL B 277 17.79 23.97 15.97
C VAL B 277 18.49 22.62 15.83
N ALA B 278 18.19 21.91 14.75
CA ALA B 278 18.77 20.60 14.52
C ALA B 278 19.97 20.61 13.56
N GLY B 279 20.32 21.77 13.03
CA GLY B 279 21.44 21.84 12.10
C GLY B 279 22.65 22.61 12.63
N ASP B 280 23.62 22.84 11.75
CA ASP B 280 24.83 23.60 12.11
C ASP B 280 24.38 25.00 12.58
N ALA B 281 24.86 25.43 13.74
CA ALA B 281 24.46 26.72 14.29
C ALA B 281 24.80 27.90 13.38
N GLU B 282 25.91 27.80 12.68
CA GLU B 282 26.31 28.87 11.76
C GLU B 282 25.34 29.00 10.60
N ILE B 283 24.98 27.87 9.99
CA ILE B 283 24.05 27.92 8.87
C ILE B 283 22.73 28.49 9.36
N THR B 284 22.28 28.01 10.51
CA THR B 284 21.01 28.48 11.05
C THR B 284 21.06 29.99 11.28
N ARG B 285 22.17 30.46 11.86
CA ARG B 285 22.31 31.89 12.12
C ARG B 285 22.23 32.67 10.80
N LEU B 286 22.99 32.21 9.82
CA LEU B 286 22.99 32.87 8.52
C LEU B 286 21.59 32.98 7.94
N VAL B 287 20.84 31.88 8.01
CA VAL B 287 19.50 31.83 7.46
C VAL B 287 18.50 32.72 8.17
N GLU B 288 18.43 32.61 9.49
CA GLU B 288 17.47 33.38 10.27
C GLU B 288 17.81 34.86 10.48
N GLU B 289 19.03 35.28 10.16
CA GLU B 289 19.39 36.68 10.30
C GLU B 289 19.31 37.36 8.95
N SER B 290 19.24 36.59 7.87
CA SER B 290 19.19 37.14 6.52
C SER B 290 18.04 38.13 6.27
N ASP B 291 18.38 39.27 5.65
CA ASP B 291 17.41 40.30 5.34
C ASP B 291 17.07 40.16 3.86
N GLY B 292 17.51 39.06 3.26
CA GLY B 292 17.26 38.80 1.87
C GLY B 292 17.21 37.31 1.60
N LEU B 293 16.28 36.63 2.28
CA LEU B 293 16.14 35.20 2.14
C LEU B 293 15.33 34.82 0.90
N PHE B 294 16.02 34.30 -0.10
CA PHE B 294 15.39 33.91 -1.37
C PHE B 294 15.10 32.41 -1.35
N LEU B 295 13.84 32.07 -1.14
CA LEU B 295 13.42 30.66 -1.10
C LEU B 295 13.09 30.21 -2.52
N LEU B 296 14.09 29.65 -3.17
CA LEU B 296 13.99 29.20 -4.56
C LEU B 296 13.45 27.78 -4.76
N GLY B 297 12.19 27.71 -5.19
CA GLY B 297 11.51 26.43 -5.44
C GLY B 297 11.26 25.65 -4.17
N ALA B 298 11.09 26.37 -3.06
CA ALA B 298 10.92 25.75 -1.75
C ALA B 298 9.52 25.42 -1.23
N ILE B 299 9.41 24.23 -0.66
CA ILE B 299 8.16 23.78 -0.05
C ILE B 299 8.13 24.38 1.35
N LEU B 300 7.07 25.10 1.68
CA LEU B 300 6.95 25.72 3.00
C LEU B 300 6.34 24.69 3.93
N SER B 301 7.16 23.73 4.36
CA SER B 301 6.68 22.66 5.22
C SER B 301 7.22 22.76 6.63
N ASP B 302 6.56 22.07 7.54
CA ASP B 302 7.01 22.05 8.92
C ASP B 302 8.40 21.42 8.99
N THR B 303 8.66 20.44 8.12
CA THR B 303 9.97 19.80 8.10
C THR B 303 11.08 20.78 7.73
N ASN B 304 10.80 21.73 6.83
CA ASN B 304 11.80 22.73 6.43
C ASN B 304 11.92 23.93 7.37
N PHE B 305 10.81 24.34 7.97
CA PHE B 305 10.82 25.54 8.79
C PHE B 305 10.34 25.48 10.23
N ALA B 306 9.65 24.42 10.63
CA ALA B 306 9.19 24.34 12.02
C ALA B 306 10.38 24.06 12.95
N VAL B 307 11.55 23.84 12.36
CA VAL B 307 12.78 23.58 13.10
C VAL B 307 13.51 24.87 13.49
N SER B 308 13.14 25.97 12.84
CA SER B 308 13.78 27.28 13.05
C SER B 308 14.04 27.62 14.53
N GLN B 309 15.13 28.32 14.79
CA GLN B 309 15.49 28.71 16.16
C GLN B 309 14.48 29.75 16.64
N ARG B 310 14.09 30.63 15.71
CA ARG B 310 13.12 31.67 15.98
C ARG B 310 12.21 31.68 14.76
N LYS B 311 10.91 31.77 14.97
CA LYS B 311 9.97 31.75 13.85
C LYS B 311 10.39 32.73 12.77
N ILE B 312 10.47 32.22 11.56
CA ILE B 312 10.84 33.06 10.43
C ILE B 312 9.55 33.67 9.89
N ASP B 313 9.61 34.96 9.54
CA ASP B 313 8.44 35.61 8.98
C ASP B 313 8.54 35.39 7.48
N LEU B 314 7.85 34.36 7.00
CA LEU B 314 7.88 33.99 5.61
C LEU B 314 7.40 35.07 4.65
N ARG B 315 6.65 36.06 5.14
CA ARG B 315 6.16 37.15 4.30
C ARG B 315 7.28 38.12 3.97
N LYS B 316 8.39 38.02 4.70
CA LYS B 316 9.52 38.89 4.48
C LYS B 316 10.61 38.24 3.61
N THR B 317 10.30 37.08 3.05
CA THR B 317 11.24 36.36 2.19
C THR B 317 10.81 36.53 0.74
N ILE B 318 11.60 35.99 -0.17
CA ILE B 318 11.25 36.00 -1.58
C ILE B 318 10.99 34.52 -1.83
N HIS B 319 9.76 34.22 -2.24
CA HIS B 319 9.37 32.82 -2.45
C HIS B 319 8.89 32.49 -3.87
N ALA B 320 9.66 31.63 -4.55
CA ALA B 320 9.33 31.20 -5.90
C ALA B 320 8.98 29.73 -5.80
N PHE B 321 7.73 29.41 -6.13
CA PHE B 321 7.26 28.04 -6.03
C PHE B 321 5.91 27.90 -6.77
N ASP B 322 5.66 26.73 -7.33
CA ASP B 322 4.40 26.48 -8.03
C ASP B 322 4.03 27.53 -9.06
N ARG B 323 4.96 27.86 -9.94
CA ARG B 323 4.72 28.86 -10.99
C ARG B 323 4.30 30.24 -10.52
N ALA B 324 4.70 30.59 -9.30
CA ALA B 324 4.40 31.89 -8.73
C ALA B 324 5.64 32.40 -8.02
N VAL B 325 5.62 33.69 -7.71
CA VAL B 325 6.72 34.34 -7.01
C VAL B 325 6.12 35.39 -6.10
N THR B 326 6.34 35.22 -4.80
CA THR B 326 5.79 36.15 -3.83
C THR B 326 6.89 36.88 -3.07
N LEU B 327 6.74 38.20 -2.96
CA LEU B 327 7.67 39.04 -2.20
C LEU B 327 6.97 40.39 -1.98
N GLY B 328 7.44 41.13 -0.99
CA GLY B 328 6.86 42.40 -0.65
C GLY B 328 5.35 42.35 -0.46
N TYR B 329 4.87 41.26 0.14
CA TYR B 329 3.43 41.07 0.39
C TYR B 329 2.54 40.92 -0.85
N HIS B 330 3.14 40.66 -2.01
CA HIS B 330 2.36 40.46 -3.25
C HIS B 330 2.85 39.30 -4.07
N THR B 331 1.99 38.82 -4.97
CA THR B 331 2.34 37.68 -5.81
C THR B 331 2.26 37.89 -7.32
N TYR B 332 3.24 37.32 -8.02
CA TYR B 332 3.31 37.34 -9.49
C TYR B 332 2.85 35.95 -9.92
N ALA B 333 1.69 35.87 -10.56
CA ALA B 333 1.21 34.57 -11.00
C ALA B 333 1.81 34.18 -12.36
N ASP B 334 1.83 32.88 -12.61
CA ASP B 334 2.32 32.35 -13.88
C ASP B 334 3.77 32.67 -14.20
N ILE B 335 4.64 32.49 -13.22
CA ILE B 335 6.04 32.73 -13.43
C ILE B 335 6.76 31.41 -13.16
N PRO B 336 7.20 30.73 -14.23
CA PRO B 336 7.90 29.46 -14.08
C PRO B 336 9.23 29.69 -13.37
N LEU B 337 9.64 28.76 -12.51
CA LEU B 337 10.91 28.91 -11.80
C LEU B 337 12.06 29.05 -12.78
N ALA B 338 12.06 28.20 -13.81
CA ALA B 338 13.10 28.23 -14.83
C ALA B 338 13.08 29.56 -15.57
N GLY B 339 11.89 30.10 -15.78
CA GLY B 339 11.82 31.37 -16.47
C GLY B 339 12.42 32.48 -15.63
N LEU B 340 12.21 32.40 -14.32
CA LEU B 340 12.75 33.43 -13.45
C LEU B 340 14.28 33.32 -13.34
N VAL B 341 14.80 32.10 -13.27
CA VAL B 341 16.24 31.93 -13.15
C VAL B 341 16.94 32.52 -14.35
N ASP B 342 16.45 32.17 -15.54
CA ASP B 342 17.03 32.68 -16.78
C ASP B 342 16.89 34.20 -16.85
N ALA B 343 15.76 34.73 -16.39
CA ALA B 343 15.56 36.16 -16.41
C ALA B 343 16.57 36.85 -15.50
N LEU B 344 16.82 36.25 -14.35
CA LEU B 344 17.80 36.83 -13.43
C LEU B 344 19.21 36.78 -14.06
N LEU B 345 19.58 35.63 -14.61
CA LEU B 345 20.91 35.49 -15.22
C LEU B 345 21.14 36.45 -16.40
N GLU B 346 20.06 36.90 -17.03
CA GLU B 346 20.18 37.81 -18.16
C GLU B 346 20.44 39.22 -17.65
N ARG B 347 20.17 39.44 -16.38
CA ARG B 347 20.37 40.76 -15.78
C ARG B 347 21.66 40.83 -14.97
N LEU B 348 22.43 39.77 -15.01
CA LEU B 348 23.68 39.70 -14.25
C LEU B 348 24.87 39.32 -15.13
N PRO B 349 25.91 40.15 -15.15
CA PRO B 349 27.10 39.84 -15.95
C PRO B 349 27.87 38.74 -15.26
N PRO B 350 28.59 37.89 -16.01
CA PRO B 350 29.35 36.81 -15.38
C PRO B 350 30.28 37.42 -14.32
N SER B 351 30.77 36.60 -13.41
CA SER B 351 31.66 37.09 -12.36
C SER B 351 33.11 36.63 -12.56
N ALA B 362 32.67 21.31 7.60
CA ALA B 362 33.39 20.06 7.42
C ALA B 362 32.50 18.85 7.69
N TYR B 363 32.62 17.84 6.85
CA TYR B 363 31.86 16.61 7.01
C TYR B 363 32.52 15.79 8.12
N PRO B 364 31.72 15.04 8.89
CA PRO B 364 32.30 14.23 9.97
C PRO B 364 33.14 13.10 9.38
N THR B 365 34.35 12.94 9.93
CA THR B 365 35.29 11.91 9.48
C THR B 365 36.02 11.26 10.65
N GLY B 366 36.97 10.39 10.32
CA GLY B 366 37.77 9.70 11.31
C GLY B 366 37.09 8.56 12.03
N LEU B 367 36.52 7.61 11.30
CA LEU B 367 35.86 6.49 11.95
C LEU B 367 36.93 5.72 12.72
N GLN B 368 36.70 5.51 14.01
CA GLN B 368 37.65 4.75 14.84
C GLN B 368 37.29 3.28 14.70
N ALA B 369 37.95 2.58 13.78
CA ALA B 369 37.69 1.17 13.51
C ALA B 369 38.11 0.24 14.63
N ASP B 370 37.40 0.30 15.76
CA ASP B 370 37.71 -0.49 16.94
C ASP B 370 36.59 -1.46 17.34
N GLY B 371 36.58 -1.83 18.62
CA GLY B 371 35.57 -2.75 19.12
C GLY B 371 34.38 -2.10 19.80
N GLU B 372 34.29 -0.78 19.70
CA GLU B 372 33.19 -0.06 20.34
C GLU B 372 31.91 -0.21 19.51
N PRO B 373 30.75 -0.09 20.15
CA PRO B 373 29.50 -0.23 19.40
C PRO B 373 29.35 0.88 18.35
N ILE B 374 28.43 0.69 17.42
CA ILE B 374 28.19 1.62 16.34
C ILE B 374 27.07 2.62 16.64
N ALA B 375 27.34 3.91 16.44
CA ALA B 375 26.33 4.94 16.62
C ALA B 375 26.03 5.49 15.23
N PRO B 376 24.88 6.16 15.05
CA PRO B 376 24.56 6.70 13.73
C PRO B 376 25.71 7.46 13.07
N MET B 377 26.32 8.40 13.79
CA MET B 377 27.42 9.19 13.24
C MET B 377 28.60 8.35 12.76
N ASP B 378 28.89 7.23 13.43
CA ASP B 378 30.00 6.38 13.01
C ASP B 378 29.79 5.91 11.57
N ILE B 379 28.52 5.76 11.20
CA ILE B 379 28.16 5.33 9.85
C ILE B 379 28.46 6.44 8.83
N ALA B 380 28.24 7.69 9.20
CA ALA B 380 28.54 8.79 8.29
C ALA B 380 30.06 8.90 8.16
N ARG B 381 30.75 8.73 9.28
CA ARG B 381 32.21 8.82 9.23
C ARG B 381 32.74 7.77 8.28
N ALA B 382 32.26 6.54 8.41
CA ALA B 382 32.70 5.45 7.54
C ALA B 382 32.49 5.80 6.08
N VAL B 383 31.28 6.23 5.73
CA VAL B 383 30.97 6.59 4.36
C VAL B 383 31.85 7.74 3.89
N ASN B 384 32.05 8.73 4.76
CA ASN B 384 32.85 9.86 4.36
C ASN B 384 34.35 9.58 4.22
N ASP B 385 34.91 8.76 5.10
CA ASP B 385 36.33 8.43 4.99
C ASP B 385 36.64 7.80 3.62
N ARG B 386 35.77 6.93 3.14
CA ARG B 386 36.01 6.30 1.85
C ARG B 386 36.10 7.35 0.74
N VAL B 387 35.20 8.34 0.81
CA VAL B 387 35.20 9.40 -0.19
C VAL B 387 36.49 10.22 -0.12
N ARG B 388 36.94 10.49 1.10
CA ARG B 388 38.16 11.27 1.30
C ARG B 388 39.37 10.52 0.78
N ALA B 389 39.30 9.19 0.79
CA ALA B 389 40.41 8.37 0.33
C ALA B 389 40.38 8.16 -1.19
N GLY B 390 39.42 8.79 -1.87
CA GLY B 390 39.38 8.66 -3.31
C GLY B 390 38.12 8.14 -3.98
N GLN B 391 37.20 7.57 -3.21
CA GLN B 391 35.97 7.07 -3.81
C GLN B 391 35.05 8.17 -4.31
N GLU B 392 34.70 8.13 -5.59
CA GLU B 392 33.77 9.12 -6.12
C GLU B 392 32.48 8.84 -5.35
N PRO B 393 31.87 9.87 -4.75
CA PRO B 393 30.63 9.76 -3.97
C PRO B 393 29.47 9.17 -4.74
N LEU B 394 28.64 8.40 -4.06
CA LEU B 394 27.47 7.82 -4.71
C LEU B 394 26.24 8.65 -4.33
N LEU B 395 25.24 8.66 -5.22
CA LEU B 395 24.02 9.37 -4.92
C LEU B 395 23.35 8.53 -3.83
N ILE B 396 22.75 9.21 -2.86
CA ILE B 396 22.10 8.51 -1.76
C ILE B 396 20.57 8.53 -1.80
N ALA B 397 19.98 7.38 -1.52
CA ALA B 397 18.54 7.21 -1.45
C ALA B 397 18.31 6.86 0.01
N ALA B 398 17.46 7.63 0.68
CA ALA B 398 17.18 7.41 2.09
C ALA B 398 15.71 7.28 2.37
N ASP B 399 15.39 6.50 3.40
CA ASP B 399 14.02 6.30 3.84
C ASP B 399 13.80 7.30 4.98
N MET B 400 12.66 7.24 5.65
CA MET B 400 12.40 8.16 6.76
C MET B 400 12.77 7.46 8.06
N GLY B 401 13.59 8.12 8.87
CA GLY B 401 14.02 7.54 10.13
C GLY B 401 15.37 8.14 10.47
N ASP B 402 16.13 7.56 11.40
CA ASP B 402 17.42 8.16 11.73
C ASP B 402 18.38 8.03 10.56
N CYS B 403 18.06 7.14 9.62
CA CYS B 403 18.89 6.95 8.46
C CYS B 403 19.01 8.25 7.66
N LEU B 404 17.89 8.98 7.53
CA LEU B 404 17.82 10.24 6.81
C LEU B 404 18.60 11.36 7.52
N PHE B 405 18.38 11.47 8.83
CA PHE B 405 19.03 12.48 9.64
C PHE B 405 20.53 12.26 9.72
N THR B 406 20.96 11.01 9.56
CA THR B 406 22.39 10.69 9.55
C THR B 406 22.91 11.04 8.16
N ALA B 407 22.14 10.70 7.13
CA ALA B 407 22.54 11.00 5.76
C ALA B 407 22.78 12.50 5.57
N MET B 408 22.15 13.32 6.40
CA MET B 408 22.36 14.75 6.32
C MET B 408 23.86 15.06 6.46
N ASP B 409 24.59 14.17 7.12
CA ASP B 409 26.03 14.38 7.29
C ASP B 409 26.90 13.55 6.37
N MET B 410 26.33 13.02 5.30
CA MET B 410 27.13 12.21 4.38
C MET B 410 27.52 12.94 3.12
N ILE B 411 28.72 12.67 2.62
CA ILE B 411 29.17 13.28 1.37
C ILE B 411 28.38 12.49 0.33
N ASP B 412 27.78 13.18 -0.63
CA ASP B 412 26.96 12.49 -1.62
C ASP B 412 27.04 13.09 -3.01
N ALA B 413 26.49 12.36 -3.98
CA ALA B 413 26.44 12.84 -5.36
C ALA B 413 24.97 13.16 -5.57
N GLY B 414 24.34 13.68 -4.52
CA GLY B 414 22.93 13.98 -4.56
C GLY B 414 22.26 13.05 -3.57
N LEU B 415 21.02 13.34 -3.23
CA LEU B 415 20.29 12.50 -2.27
C LEU B 415 18.81 12.66 -2.44
N MET B 416 18.11 11.52 -2.52
CA MET B 416 16.65 11.60 -2.63
C MET B 416 16.02 10.95 -1.41
N ALA B 417 15.04 11.64 -0.85
CA ALA B 417 14.36 11.15 0.33
C ALA B 417 12.99 11.82 0.44
N PRO B 418 12.11 11.29 1.31
CA PRO B 418 10.78 11.87 1.48
C PRO B 418 10.82 12.93 2.58
N GLY B 419 11.63 13.95 2.34
CA GLY B 419 11.79 15.02 3.31
C GLY B 419 10.61 15.92 3.61
N TYR B 420 9.45 15.69 3.01
CA TYR B 420 8.27 16.50 3.30
C TYR B 420 7.08 15.58 3.59
N TYR B 421 6.77 14.69 2.67
CA TYR B 421 5.69 13.75 2.89
C TYR B 421 6.07 12.83 4.06
N ALA B 422 7.37 12.51 4.16
CA ALA B 422 7.88 11.67 5.23
C ALA B 422 7.28 10.27 5.33
N GLY B 423 6.88 9.70 4.20
CA GLY B 423 6.30 8.37 4.21
C GLY B 423 7.37 7.30 4.15
N MET B 424 7.33 6.33 5.05
CA MET B 424 8.33 5.27 5.05
C MET B 424 8.15 4.29 3.91
N GLY B 425 9.21 3.53 3.62
CA GLY B 425 9.17 2.55 2.55
C GLY B 425 9.78 3.05 1.24
N PHE B 426 10.08 4.34 1.20
CA PHE B 426 10.66 4.98 0.03
C PHE B 426 12.09 4.52 -0.25
N GLY B 427 12.85 4.30 0.81
CA GLY B 427 14.26 3.93 0.73
C GLY B 427 14.76 2.95 -0.31
N VAL B 428 14.55 1.65 -0.06
CA VAL B 428 15.02 0.61 -0.96
C VAL B 428 14.46 0.72 -2.37
N PRO B 429 13.13 0.86 -2.51
CA PRO B 429 12.60 0.97 -3.88
C PRO B 429 13.21 2.15 -4.64
N ALA B 430 13.45 3.26 -3.96
CA ALA B 430 14.01 4.44 -4.62
C ALA B 430 15.41 4.11 -5.12
N GLY B 431 16.22 3.51 -4.26
CA GLY B 431 17.57 3.14 -4.63
C GLY B 431 17.52 2.27 -5.87
N ILE B 432 16.64 1.28 -5.86
CA ILE B 432 16.49 0.37 -6.98
C ILE B 432 16.07 1.12 -8.23
N GLY B 433 15.04 1.95 -8.10
CA GLY B 433 14.56 2.71 -9.24
C GLY B 433 15.63 3.62 -9.84
N ALA B 434 16.42 4.27 -8.99
CA ALA B 434 17.47 5.15 -9.49
C ALA B 434 18.58 4.38 -10.21
N GLN B 435 19.04 3.27 -9.63
CA GLN B 435 20.11 2.51 -10.25
C GLN B 435 19.68 1.86 -11.58
N CYS B 436 18.38 1.61 -11.75
CA CYS B 436 17.91 1.05 -13.00
C CYS B 436 18.11 2.02 -14.14
N VAL B 437 18.13 3.32 -13.82
CA VAL B 437 18.32 4.32 -14.86
C VAL B 437 19.59 5.14 -14.75
N SER B 438 20.49 4.73 -13.87
CA SER B 438 21.75 5.44 -13.64
C SER B 438 22.88 5.06 -14.60
N GLY B 439 22.54 4.32 -15.66
CA GLY B 439 23.56 3.92 -16.59
C GLY B 439 24.87 3.45 -15.96
N GLY B 440 24.79 2.44 -15.10
CA GLY B 440 25.99 1.90 -14.48
C GLY B 440 26.42 2.40 -13.11
N LYS B 441 26.12 3.66 -12.79
CA LYS B 441 26.50 4.21 -11.50
C LYS B 441 25.76 3.54 -10.36
N ARG B 442 26.49 3.27 -9.28
CA ARG B 442 25.94 2.61 -8.11
C ARG B 442 25.22 3.59 -7.20
N ILE B 443 24.20 3.09 -6.50
CA ILE B 443 23.42 3.93 -5.59
C ILE B 443 23.55 3.38 -4.19
N LEU B 444 23.73 4.26 -3.21
CA LEU B 444 23.84 3.87 -1.81
C LEU B 444 22.50 4.18 -1.15
N THR B 445 21.96 3.21 -0.42
CA THR B 445 20.68 3.35 0.23
C THR B 445 20.84 3.17 1.74
N VAL B 446 20.23 4.08 2.50
CA VAL B 446 20.24 4.02 3.96
C VAL B 446 18.77 3.82 4.40
N VAL B 447 18.55 2.89 5.31
CA VAL B 447 17.19 2.58 5.74
C VAL B 447 17.16 1.93 7.12
N GLY B 448 16.12 2.23 7.90
CA GLY B 448 15.97 1.66 9.21
C GLY B 448 15.31 0.28 9.13
N ASP B 449 15.28 -0.45 10.23
CA ASP B 449 14.66 -1.78 10.24
C ASP B 449 13.15 -1.72 10.05
N GLY B 450 12.53 -0.68 10.59
CA GLY B 450 11.10 -0.51 10.45
C GLY B 450 10.73 -0.39 9.00
N ALA B 451 11.38 0.53 8.29
CA ALA B 451 11.11 0.73 6.87
C ALA B 451 11.50 -0.47 6.00
N PHE B 452 12.59 -1.14 6.34
CA PHE B 452 13.02 -2.28 5.52
C PHE B 452 11.94 -3.35 5.51
N GLN B 453 11.28 -3.53 6.66
CA GLN B 453 10.21 -4.52 6.83
C GLN B 453 9.05 -4.27 5.88
N MET B 454 8.94 -3.04 5.38
CA MET B 454 7.86 -2.67 4.48
C MET B 454 8.22 -2.91 3.04
N THR B 455 9.35 -2.37 2.62
CA THR B 455 9.74 -2.52 1.23
C THR B 455 11.19 -2.96 0.99
N GLY B 456 11.91 -3.34 2.04
CA GLY B 456 13.29 -3.75 1.86
C GLY B 456 13.41 -5.00 1.00
N TRP B 457 12.37 -5.82 1.09
CA TRP B 457 12.25 -7.08 0.38
C TRP B 457 12.37 -6.93 -1.12
N GLU B 458 12.15 -5.72 -1.63
CA GLU B 458 12.25 -5.53 -3.07
C GLU B 458 13.67 -5.85 -3.58
N LEU B 459 14.65 -5.90 -2.69
CA LEU B 459 16.02 -6.21 -3.11
C LEU B 459 16.09 -7.55 -3.84
N GLY B 460 15.12 -8.42 -3.59
CA GLY B 460 15.09 -9.72 -4.27
C GLY B 460 14.90 -9.61 -5.77
N ASN B 461 14.68 -8.39 -6.28
CA ASN B 461 14.50 -8.20 -7.72
C ASN B 461 15.79 -7.70 -8.37
N CYS B 462 16.80 -7.40 -7.58
CA CYS B 462 18.04 -6.85 -8.12
C CYS B 462 18.64 -7.68 -9.27
N ARG B 463 18.85 -8.96 -9.02
CA ARG B 463 19.42 -9.85 -10.02
C ARG B 463 18.72 -9.66 -11.37
N ARG B 464 17.41 -9.85 -11.39
CA ARG B 464 16.64 -9.72 -12.62
C ARG B 464 16.76 -8.33 -13.23
N LEU B 465 16.87 -7.31 -12.38
CA LEU B 465 17.00 -5.94 -12.86
C LEU B 465 18.45 -5.66 -13.32
N GLY B 466 19.38 -6.54 -12.96
CA GLY B 466 20.76 -6.32 -13.36
C GLY B 466 21.42 -5.18 -12.60
N ILE B 467 21.10 -5.06 -11.31
CA ILE B 467 21.68 -4.00 -10.50
C ILE B 467 22.21 -4.57 -9.19
N ASP B 468 23.08 -3.80 -8.53
CA ASP B 468 23.69 -4.21 -7.28
C ASP B 468 23.94 -3.01 -6.37
N PRO B 469 22.86 -2.44 -5.81
CA PRO B 469 22.99 -1.26 -4.93
C PRO B 469 23.54 -1.64 -3.57
N ILE B 470 24.19 -0.70 -2.90
CA ILE B 470 24.73 -0.94 -1.57
C ILE B 470 23.68 -0.41 -0.59
N VAL B 471 23.27 -1.26 0.35
CA VAL B 471 22.26 -0.90 1.32
C VAL B 471 22.72 -1.00 2.76
N ILE B 472 22.71 0.13 3.44
CA ILE B 472 23.10 0.17 4.84
C ILE B 472 21.80 0.23 5.63
N LEU B 473 21.60 -0.80 6.44
CA LEU B 473 20.42 -0.99 7.22
C LEU B 473 20.71 -0.67 8.67
N PHE B 474 20.09 0.41 9.16
CA PHE B 474 20.23 0.85 10.54
C PHE B 474 19.29 0.01 11.38
N ASN B 475 19.80 -1.06 11.95
CA ASN B 475 18.95 -1.92 12.73
C ASN B 475 18.99 -1.73 14.24
N ASN B 476 17.97 -1.09 14.80
CA ASN B 476 17.93 -0.91 16.25
C ASN B 476 16.74 -1.62 16.89
N ALA B 477 16.12 -2.55 16.17
CA ALA B 477 14.98 -3.27 16.72
C ALA B 477 14.07 -2.20 17.34
N SER B 478 13.72 -1.20 16.54
CA SER B 478 12.90 -0.12 17.06
C SER B 478 12.41 0.88 16.02
N TRP B 479 11.30 1.55 16.35
CA TRP B 479 10.77 2.63 15.53
C TRP B 479 11.34 3.73 16.42
N GLU B 480 12.65 3.93 16.31
CA GLU B 480 13.37 4.88 17.17
C GLU B 480 12.93 6.33 17.10
N MET B 481 12.54 6.77 15.91
CA MET B 481 12.08 8.14 15.77
C MET B 481 10.81 8.34 16.59
N LEU B 482 9.94 7.33 16.63
CA LEU B 482 8.72 7.46 17.42
C LEU B 482 9.02 7.38 18.92
N ARG B 483 9.99 6.55 19.29
CA ARG B 483 10.38 6.43 20.69
C ARG B 483 10.84 7.79 21.19
N THR B 484 11.54 8.52 20.31
CA THR B 484 12.06 9.84 20.61
C THR B 484 10.92 10.83 20.90
N PHE B 485 9.80 10.66 20.22
CA PHE B 485 8.64 11.51 20.44
C PHE B 485 7.95 11.12 21.76
N GLN B 486 7.81 9.82 22.00
CA GLN B 486 7.10 9.31 23.17
C GLN B 486 7.84 8.09 23.73
N PRO B 487 8.87 8.32 24.56
CA PRO B 487 9.67 7.24 25.15
C PRO B 487 8.97 6.27 26.10
N GLU B 488 7.85 6.68 26.69
CA GLU B 488 7.12 5.83 27.61
C GLU B 488 6.40 4.65 26.96
N SER B 489 6.23 4.67 25.63
CA SER B 489 5.50 3.58 24.97
C SER B 489 6.31 2.33 24.66
N ALA B 490 5.67 1.18 24.86
CA ALA B 490 6.28 -0.12 24.60
C ALA B 490 6.14 -0.56 23.15
N PHE B 491 5.12 -0.06 22.45
CA PHE B 491 4.91 -0.47 21.08
C PHE B 491 6.03 -0.08 20.11
N ASN B 492 6.99 0.71 20.57
CA ASN B 492 8.09 1.08 19.67
C ASN B 492 9.24 0.07 19.76
N ASP B 493 9.15 -0.87 20.69
CA ASP B 493 10.16 -1.91 20.86
C ASP B 493 9.87 -2.97 19.83
N LEU B 494 10.72 -3.10 18.83
CA LEU B 494 10.49 -4.11 17.80
C LEU B 494 11.38 -5.33 18.05
N ASP B 495 11.03 -6.44 17.41
CA ASP B 495 11.82 -7.66 17.56
C ASP B 495 13.08 -7.50 16.72
N ASP B 496 14.05 -8.39 16.92
CA ASP B 496 15.27 -8.34 16.13
C ASP B 496 15.13 -9.28 14.93
N TRP B 497 15.09 -8.73 13.73
CA TRP B 497 14.99 -9.54 12.52
C TRP B 497 16.44 -9.71 12.06
N ARG B 498 16.81 -10.89 11.56
CA ARG B 498 18.18 -11.11 11.10
C ARG B 498 18.13 -10.80 9.62
N PHE B 499 18.21 -9.52 9.26
CA PHE B 499 18.12 -9.14 7.86
C PHE B 499 19.28 -9.64 7.02
N ALA B 500 20.51 -9.52 7.54
CA ALA B 500 21.67 -10.00 6.80
C ALA B 500 21.47 -11.48 6.47
N ASP B 501 21.10 -12.28 7.46
CA ASP B 501 20.85 -13.72 7.26
C ASP B 501 19.86 -14.01 6.12
N MET B 502 18.91 -13.10 5.92
CA MET B 502 17.89 -13.30 4.89
C MET B 502 18.36 -12.80 3.53
N ALA B 503 19.49 -12.12 3.48
CA ALA B 503 20.02 -11.58 2.23
C ALA B 503 20.20 -12.63 1.13
N ALA B 504 20.82 -13.75 1.47
CA ALA B 504 21.07 -14.80 0.51
C ALA B 504 19.82 -15.28 -0.22
N GLY B 505 18.76 -15.54 0.54
CA GLY B 505 17.53 -15.99 -0.07
C GLY B 505 17.02 -15.04 -1.14
N MET B 506 17.50 -13.79 -1.10
CA MET B 506 17.07 -12.78 -2.07
C MET B 506 18.10 -12.52 -3.17
N GLY B 507 19.20 -13.27 -3.16
CA GLY B 507 20.22 -13.08 -4.19
C GLY B 507 21.28 -12.05 -3.89
N GLY B 508 21.44 -11.70 -2.62
CA GLY B 508 22.44 -10.71 -2.28
C GLY B 508 23.40 -11.16 -1.21
N ASP B 509 24.32 -10.29 -0.87
CA ASP B 509 25.30 -10.60 0.16
C ASP B 509 25.03 -9.76 1.40
N GLY B 510 24.74 -10.44 2.51
CA GLY B 510 24.46 -9.73 3.73
C GLY B 510 25.48 -10.01 4.82
N VAL B 511 25.71 -9.00 5.64
CA VAL B 511 26.62 -9.14 6.76
C VAL B 511 26.12 -8.23 7.87
N ARG B 512 26.03 -8.79 9.07
CA ARG B 512 25.59 -8.06 10.23
C ARG B 512 26.83 -7.55 10.98
N VAL B 513 26.87 -6.25 11.26
CA VAL B 513 28.02 -5.68 11.96
C VAL B 513 27.58 -5.10 13.29
N ARG B 514 28.43 -5.26 14.29
CA ARG B 514 28.15 -4.77 15.62
C ARG B 514 29.21 -3.80 16.18
N THR B 515 30.42 -3.85 15.64
CA THR B 515 31.50 -2.97 16.08
C THR B 515 31.88 -2.04 14.95
N ARG B 516 32.53 -0.93 15.30
CA ARG B 516 32.97 0.02 14.30
C ARG B 516 34.00 -0.59 13.36
N ALA B 517 34.81 -1.53 13.86
CA ALA B 517 35.79 -2.18 13.02
C ALA B 517 35.06 -3.00 11.97
N GLU B 518 34.08 -3.80 12.40
CA GLU B 518 33.31 -4.62 11.46
C GLU B 518 32.57 -3.70 10.45
N LEU B 519 32.06 -2.57 10.92
CA LEU B 519 31.38 -1.65 10.00
C LEU B 519 32.35 -1.26 8.89
N LYS B 520 33.55 -0.84 9.27
CA LYS B 520 34.52 -0.43 8.26
C LYS B 520 34.83 -1.55 7.25
N ALA B 521 35.14 -2.74 7.75
CA ALA B 521 35.43 -3.86 6.87
C ALA B 521 34.26 -4.12 5.91
N ALA B 522 33.06 -4.24 6.48
CA ALA B 522 31.86 -4.48 5.69
C ALA B 522 31.69 -3.47 4.56
N LEU B 523 31.92 -2.19 4.86
CA LEU B 523 31.76 -1.18 3.82
C LEU B 523 32.76 -1.31 2.67
N ASP B 524 34.01 -1.63 2.99
CA ASP B 524 34.99 -1.77 1.93
C ASP B 524 34.65 -2.96 1.07
N LYS B 525 34.23 -4.06 1.69
CA LYS B 525 33.88 -5.25 0.93
C LYS B 525 32.68 -5.01 0.05
N ALA B 526 31.69 -4.26 0.54
CA ALA B 526 30.50 -3.97 -0.24
C ALA B 526 30.87 -3.21 -1.50
N PHE B 527 31.74 -2.20 -1.36
CA PHE B 527 32.18 -1.43 -2.50
C PHE B 527 33.07 -2.26 -3.43
N ALA B 528 33.74 -3.25 -2.86
CA ALA B 528 34.65 -4.09 -3.62
C ALA B 528 33.90 -5.24 -4.31
N THR B 529 32.64 -5.45 -3.96
CA THR B 529 31.86 -6.54 -4.53
C THR B 529 30.69 -6.06 -5.40
N ARG B 530 30.73 -6.39 -6.70
CA ARG B 530 29.67 -6.02 -7.61
C ARG B 530 28.98 -7.27 -8.14
N GLY B 531 27.79 -7.10 -8.72
CA GLY B 531 27.07 -8.24 -9.26
C GLY B 531 25.87 -8.66 -8.41
N ARG B 532 25.92 -8.39 -7.11
CA ARG B 532 24.84 -8.71 -6.21
C ARG B 532 24.61 -7.47 -5.34
N PHE B 533 23.39 -7.28 -4.84
CA PHE B 533 23.17 -6.12 -3.99
C PHE B 533 23.94 -6.47 -2.72
N GLN B 534 24.51 -5.45 -2.07
CA GLN B 534 25.28 -5.64 -0.86
C GLN B 534 24.53 -5.05 0.33
N LEU B 535 24.17 -5.89 1.30
CA LEU B 535 23.44 -5.41 2.47
C LEU B 535 24.28 -5.43 3.73
N ILE B 536 24.48 -4.26 4.30
CA ILE B 536 25.26 -4.11 5.52
C ILE B 536 24.28 -3.75 6.64
N GLU B 537 23.99 -4.76 7.46
CA GLU B 537 23.06 -4.61 8.56
C GLU B 537 23.77 -4.14 9.82
N ALA B 538 23.77 -2.83 10.04
CA ALA B 538 24.43 -2.26 11.21
C ALA B 538 23.57 -2.23 12.47
N MET B 539 24.02 -2.96 13.48
CA MET B 539 23.33 -3.01 14.76
C MET B 539 23.59 -1.74 15.55
N ILE B 540 22.54 -0.96 15.78
CA ILE B 540 22.65 0.29 16.53
C ILE B 540 21.86 0.05 17.80
N PRO B 541 22.45 0.34 18.97
CA PRO B 541 21.74 0.12 20.23
C PRO B 541 20.49 1.01 20.38
N ARG B 542 19.44 0.47 20.99
CA ARG B 542 18.22 1.25 21.23
C ARG B 542 18.62 2.44 22.07
N GLY B 543 17.90 3.54 21.90
CA GLY B 543 18.19 4.73 22.67
C GLY B 543 19.40 5.50 22.16
N VAL B 544 20.00 5.05 21.06
CA VAL B 544 21.16 5.75 20.53
C VAL B 544 20.72 6.40 19.22
N LEU B 545 20.77 7.71 19.14
CA LEU B 545 20.33 8.36 17.92
C LEU B 545 21.15 9.59 17.64
N SER B 546 21.17 10.00 16.36
CA SER B 546 21.92 11.18 15.96
C SER B 546 21.40 12.41 16.70
N ASP B 547 22.30 13.34 17.03
CA ASP B 547 21.90 14.56 17.71
C ASP B 547 20.88 15.29 16.84
N THR B 548 21.09 15.24 15.53
CA THR B 548 20.20 15.88 14.59
C THR B 548 18.77 15.39 14.76
N LEU B 549 18.57 14.08 14.81
CA LEU B 549 17.23 13.54 14.99
C LEU B 549 16.67 14.01 16.31
N ALA B 550 17.48 13.88 17.36
CA ALA B 550 17.04 14.28 18.68
C ALA B 550 16.52 15.72 18.68
N ARG B 551 17.32 16.64 18.14
CA ARG B 551 16.92 18.03 18.13
C ARG B 551 15.78 18.33 17.17
N PHE B 552 15.70 17.56 16.08
CA PHE B 552 14.63 17.75 15.11
C PHE B 552 13.30 17.43 15.76
N VAL B 553 13.23 16.29 16.45
CA VAL B 553 12.00 15.89 17.10
C VAL B 553 11.55 16.94 18.11
N GLN B 554 12.47 17.42 18.95
CA GLN B 554 12.14 18.44 19.94
C GLN B 554 11.70 19.72 19.22
N GLY B 555 12.39 20.05 18.14
CA GLY B 555 12.02 21.21 17.37
C GLY B 555 10.58 21.08 16.88
N GLN B 556 10.24 19.93 16.30
CA GLN B 556 8.89 19.72 15.80
C GLN B 556 7.85 19.73 16.89
N LYS B 557 8.20 19.16 18.05
CA LYS B 557 7.27 19.10 19.18
C LYS B 557 6.71 20.47 19.53
N ARG B 558 7.54 21.51 19.46
CA ARG B 558 7.10 22.86 19.80
C ARG B 558 5.84 23.26 19.03
N LEU B 559 5.73 22.77 17.79
CA LEU B 559 4.60 23.08 16.90
C LEU B 559 3.24 22.48 17.29
N HIS B 560 3.20 21.59 18.29
CA HIS B 560 1.95 20.97 18.72
C HIS B 560 1.16 21.82 19.71
MG MG C . 3.38 -18.13 -8.27
C2A TPW D . -2.12 -6.24 -5.38
C35 TPW D . -2.59 -9.26 -10.37
C2 TPW D . -3.42 -11.60 -10.18
S1 TPW D . -2.76 -13.19 -10.03
C5 TPW D . -1.03 -12.79 -9.98
C4 TPW D . -1.06 -11.40 -10.09
C4A TPW D . 0.22 -10.57 -10.09
C5A TPW D . 0.11 -13.77 -9.88
C5B TPW D . 0.27 -14.33 -8.46
O5G TPW D . 1.45 -15.17 -8.44
P1 TPW D . 1.44 -16.03 -7.08
O11 TPW D . 0.40 -17.32 -7.10
O12 TPW D . 1.09 -15.17 -5.91
O13 TPW D . 2.94 -16.59 -6.86
P2 TPW D . 0.30 -18.07 -8.56
O21 TPW D . -0.37 -17.18 -9.61
O22 TPW D . 1.72 -18.46 -9.05
O23 TPW D . -0.58 -19.37 -8.37
N1' TPW D . -1.42 -6.81 -7.67
C2' TPW D . -2.29 -7.03 -6.66
N3' TPW D . -3.28 -7.93 -6.76
C4' TPW D . -3.46 -8.66 -7.91
N4' TPW D . -4.52 -9.54 -8.00
C5' TPW D . -2.52 -8.48 -9.01
C6' TPW D . -1.51 -7.50 -8.83
C3 TPW D . -2.35 -10.81 -10.20
C1 PPY E . 5.72 10.48 11.91
O1 PPY E . 4.67 9.88 11.32
O2 PPY E . 5.80 10.54 13.12
C2 PPY E . 6.80 11.04 11.05
O3 PPY E . 6.74 10.92 9.85
C3 PPY E . 7.98 11.73 11.67
C1' PPY E . 8.02 13.20 11.40
C2' PPY E . 7.46 14.09 12.34
C3' PPY E . 7.48 15.48 12.08
C4' PPY E . 8.07 15.96 10.88
C5' PPY E . 8.64 15.06 9.96
C6' PPY E . 8.62 13.68 10.22
C1 PPY F . -14.92 -14.81 3.00
O1 PPY F . -13.80 -14.75 2.25
O2 PPY F . -15.27 -13.84 3.63
C2 PPY F . -15.73 -16.09 3.06
O3 PPY F . -15.56 -16.96 2.21
C3 PPY F . -16.73 -16.30 4.17
C1' PPY F . -16.17 -16.96 5.42
C2' PPY F . -15.33 -16.24 6.30
C3' PPY F . -14.83 -16.87 7.46
C4' PPY F . -15.17 -18.21 7.73
C5' PPY F . -16.00 -18.93 6.85
C6' PPY F . -16.51 -18.31 5.70
MG MG G . 14.64 1.48 13.73
C2A TPW H . 4.11 4.39 5.89
C35 TPW H . 5.37 6.72 11.08
C2 TPW H . 7.64 7.74 11.28
S1 TPW H . 9.21 7.27 11.91
C5 TPW H . 8.85 5.63 12.35
C4 TPW H . 7.49 5.52 12.02
C4A TPW H . 6.71 4.21 12.29
C5A TPW H . 9.81 4.69 12.94
C5B TPW H . 10.78 4.21 11.86
O5G TPW H . 11.54 3.16 12.44
P1 TPW H . 12.83 2.82 11.51
O11 TPW H . 14.01 3.98 11.57
O12 TPW H . 12.47 2.62 10.10
O13 TPW H . 13.42 1.45 12.08
P2 TPW H . 14.35 4.53 13.03
O21 TPW H . 13.31 5.53 13.54
O22 TPW H . 14.49 3.38 14.05
O23 TPW H . 15.69 5.29 12.90
N1' TPW H . 3.96 4.48 8.32
C2' TPW H . 4.44 5.03 7.20
N3' TPW H . 5.23 6.14 7.24
C4' TPW H . 5.56 6.73 8.43
N4' TPW H . 6.33 7.87 8.45
C5' TPW H . 5.06 6.13 9.69
C6' TPW H . 4.24 5.00 9.57
C3 TPW H . 6.90 6.65 11.46
C1 PPY I . -5.99 -10.28 -12.12
O1 PPY I . -5.74 -9.02 -11.76
O2 PPY I . -5.63 -10.68 -13.21
C2 PPY I . -6.70 -11.20 -11.18
O3 PPY I . -6.89 -10.85 -10.04
C3 PPY I . -7.13 -12.56 -11.63
C1' PPY I . -8.62 -12.71 -11.77
C2' PPY I . -9.24 -12.46 -13.01
C3' PPY I . -10.64 -12.59 -13.14
C4' PPY I . -11.41 -12.99 -12.03
C5' PPY I . -10.79 -13.25 -10.78
C6' PPY I . -9.38 -13.11 -10.67
C1 PPY J . 14.74 14.84 -3.26
O1 PPY J . 14.49 13.99 -2.25
O2 PPY J . 14.03 14.83 -4.26
C2 PPY J . 15.89 15.79 -3.14
O3 PPY J . 16.43 15.99 -2.06
C3 PPY J . 16.43 16.49 -4.39
C1' PPY J . 17.57 15.76 -5.08
C2' PPY J . 17.34 14.57 -5.80
C3' PPY J . 18.40 13.90 -6.43
C4' PPY J . 19.71 14.42 -6.35
C5' PPY J . 19.95 15.62 -5.62
C6' PPY J . 18.88 16.28 -4.99
C1 GOL K . 26.66 11.57 20.32
O1 GOL K . 26.27 12.54 19.37
C2 GOL K . 25.67 10.46 20.40
O2 GOL K . 24.46 11.13 20.63
C3 GOL K . 25.52 9.70 19.14
O3 GOL K . 24.42 8.82 19.27
#